data_1V47
#
_entry.id   1V47
#
_cell.length_a   68.858
_cell.length_b   61.254
_cell.length_c   128.665
_cell.angle_alpha   90.00
_cell.angle_beta   95.43
_cell.angle_gamma   90.00
#
_symmetry.space_group_name_H-M   'P 1 21 1'
#
loop_
_entity.id
_entity.type
_entity.pdbx_description
1 polymer 'ATP sulfurylase'
2 non-polymer 'ZINC ION'
3 non-polymer 'CHLORIDE ION'
4 non-polymer 'SODIUM ION'
5 non-polymer "ADENOSINE-5'-PHOSPHOSULFATE"
6 water water
#
_entity_poly.entity_id   1
_entity_poly.type   'polypeptide(L)'
_entity_poly.pdbx_seq_one_letter_code
;MVETLPALEIGEDERLDLENLATGAFFPVKGFMTREEALSVAHEMRLPTGEVWTIPILLQFREKPRVGPGNTVALLHGGE
RVALLHVAEAYELDLEALARAVFGTDSETHPGVARLYGKGPYALAGRVEVLKPRPRTPLEKTPEEVRAFFRQRGWRKVVA
FQTRNAPHRAHEYLIRLGLELADGVLVHPILGAKKPDDFPTEVIVEAYQALIRDFLPQERVAFFGLATPMRYAGPKEAVF
HALVRKNFGATHFLVGRDHAGVGDFYDPYAAHRIFDRLPPLGIEIVKVGAVFHCPLCGGIASERTCPEGHREKRTAISMT
KVRALLREGKAPPSELVRPELLPILRRGV
;
_entity_poly.pdbx_strand_id   A,B
#
# COMPACT_ATOMS: atom_id res chain seq x y z
N THR A 4 56.55 0.23 -12.93
CA THR A 4 55.12 -0.16 -12.74
C THR A 4 54.45 0.63 -11.61
N LEU A 5 53.13 0.69 -11.64
CA LEU A 5 52.37 1.41 -10.62
C LEU A 5 52.43 0.75 -9.25
N PRO A 6 52.22 1.52 -8.18
CA PRO A 6 52.23 0.97 -6.83
C PRO A 6 51.00 0.07 -6.72
N ALA A 7 51.15 -1.14 -6.18
CA ALA A 7 50.04 -2.06 -6.06
C ALA A 7 49.66 -2.41 -4.62
N LEU A 8 48.37 -2.63 -4.38
CA LEU A 8 47.83 -2.96 -3.07
C LEU A 8 46.77 -4.05 -3.18
N GLU A 9 46.92 -5.14 -2.43
CA GLU A 9 45.94 -6.22 -2.45
C GLU A 9 44.65 -5.72 -1.79
N ILE A 10 43.51 -6.20 -2.28
CA ILE A 10 42.21 -5.82 -1.71
C ILE A 10 41.29 -7.03 -1.62
N GLY A 11 40.45 -7.05 -0.60
CA GLY A 11 39.52 -8.16 -0.42
C GLY A 11 38.28 -8.13 -1.30
N GLU A 12 37.37 -9.07 -1.07
CA GLU A 12 36.14 -9.16 -1.86
C GLU A 12 35.18 -8.00 -1.58
N ASP A 13 35.00 -7.65 -0.31
CA ASP A 13 34.11 -6.56 0.05
C ASP A 13 34.52 -5.31 -0.74
N GLU A 14 35.82 -5.12 -0.87
CA GLU A 14 36.35 -3.97 -1.58
C GLU A 14 36.09 -4.08 -3.08
N ARG A 15 36.35 -5.25 -3.64
CA ARG A 15 36.11 -5.40 -5.06
C ARG A 15 34.63 -5.26 -5.42
N LEU A 16 33.76 -5.69 -4.51
CA LEU A 16 32.33 -5.56 -4.76
C LEU A 16 31.89 -4.11 -4.66
N ASP A 17 32.35 -3.41 -3.64
CA ASP A 17 31.95 -2.03 -3.45
C ASP A 17 32.62 -1.01 -4.38
N LEU A 18 33.81 -1.31 -4.90
CA LEU A 18 34.39 -0.36 -5.84
C LEU A 18 33.52 -0.47 -7.11
N GLU A 19 33.00 -1.67 -7.38
CA GLU A 19 32.14 -1.85 -8.55
C GLU A 19 30.78 -1.16 -8.34
N ASN A 20 30.26 -1.21 -7.12
CA ASN A 20 28.99 -0.55 -6.83
C ASN A 20 29.15 0.96 -6.98
N LEU A 21 30.36 1.43 -6.67
CA LEU A 21 30.65 2.84 -6.81
C LEU A 21 30.68 3.17 -8.30
N ALA A 22 31.48 2.44 -9.05
CA ALA A 22 31.60 2.69 -10.48
C ALA A 22 30.31 2.50 -11.28
N THR A 23 29.36 1.73 -10.75
CA THR A 23 28.11 1.48 -11.47
C THR A 23 26.98 2.42 -11.05
N GLY A 24 27.25 3.29 -10.08
CA GLY A 24 26.23 4.22 -9.61
C GLY A 24 25.27 3.61 -8.59
N ALA A 25 25.57 2.42 -8.12
CA ALA A 25 24.71 1.77 -7.13
C ALA A 25 24.70 2.59 -5.84
N PHE A 26 25.87 3.13 -5.49
CA PHE A 26 25.99 3.92 -4.27
C PHE A 26 25.82 5.41 -4.48
N PHE A 27 25.40 5.82 -5.68
CA PHE A 27 25.17 7.24 -5.94
C PHE A 27 24.33 7.82 -4.79
N PRO A 28 24.60 9.08 -4.39
CA PRO A 28 25.59 10.04 -4.87
C PRO A 28 27.03 9.87 -4.43
N VAL A 29 27.34 8.79 -3.72
CA VAL A 29 28.73 8.58 -3.31
C VAL A 29 29.42 8.11 -4.58
N LYS A 30 30.53 8.73 -4.94
CA LYS A 30 31.21 8.35 -6.18
C LYS A 30 32.59 7.74 -6.02
N GLY A 31 33.09 7.68 -4.78
CA GLY A 31 34.39 7.09 -4.58
C GLY A 31 34.60 6.83 -3.11
N PHE A 32 35.61 6.01 -2.79
CA PHE A 32 35.91 5.73 -1.41
C PHE A 32 36.08 7.06 -0.72
N MET A 33 35.36 7.23 0.38
CA MET A 33 35.31 8.47 1.14
C MET A 33 36.55 9.03 1.79
N THR A 34 36.55 10.36 1.91
CA THR A 34 37.64 11.07 2.56
C THR A 34 37.27 11.02 4.03
N ARG A 35 38.19 11.45 4.89
CA ARG A 35 37.94 11.45 6.32
C ARG A 35 36.73 12.34 6.61
N GLU A 36 36.67 13.53 6.01
CA GLU A 36 35.54 14.41 6.25
C GLU A 36 34.24 13.74 5.84
N GLU A 37 34.23 13.13 4.67
CA GLU A 37 33.03 12.43 4.20
C GLU A 37 32.62 11.32 5.17
N ALA A 38 33.57 10.48 5.56
CA ALA A 38 33.30 9.38 6.49
C ALA A 38 32.68 9.87 7.80
N LEU A 39 33.29 10.90 8.39
CA LEU A 39 32.80 11.43 9.66
C LEU A 39 31.43 12.10 9.60
N SER A 40 31.17 12.91 8.57
CA SER A 40 29.87 13.58 8.51
C SER A 40 28.77 12.57 8.22
N VAL A 41 29.10 11.57 7.41
CA VAL A 41 28.14 10.53 7.08
C VAL A 41 27.77 9.80 8.36
N ALA A 42 28.80 9.37 9.08
CA ALA A 42 28.63 8.62 10.32
C ALA A 42 27.94 9.36 11.46
N HIS A 43 28.19 10.66 11.58
CA HIS A 43 27.64 11.44 12.68
C HIS A 43 26.43 12.31 12.36
N GLU A 44 26.35 12.80 11.12
CA GLU A 44 25.23 13.65 10.74
C GLU A 44 24.33 13.04 9.68
N MET A 45 24.70 11.86 9.17
CA MET A 45 23.94 11.16 8.14
C MET A 45 23.85 11.97 6.84
N ARG A 46 24.88 12.78 6.59
CA ARG A 46 24.93 13.61 5.38
C ARG A 46 26.34 13.58 4.80
N LEU A 47 26.45 13.90 3.52
CA LEU A 47 27.76 13.98 2.90
C LEU A 47 28.09 15.46 3.11
N PRO A 48 29.37 15.85 3.03
CA PRO A 48 29.67 17.26 3.24
C PRO A 48 28.81 18.17 2.37
N THR A 49 28.53 17.71 1.15
CA THR A 49 27.72 18.48 0.22
C THR A 49 26.22 18.54 0.54
N GLY A 50 25.79 17.89 1.60
CA GLY A 50 24.38 17.96 1.97
C GLY A 50 23.45 16.78 1.71
N GLU A 51 23.83 15.83 0.85
CA GLU A 51 22.93 14.70 0.56
C GLU A 51 22.88 13.67 1.68
N VAL A 52 21.71 13.07 1.86
CA VAL A 52 21.55 12.05 2.88
C VAL A 52 22.37 10.82 2.50
N TRP A 53 23.05 10.26 3.50
CA TRP A 53 23.84 9.05 3.35
C TRP A 53 24.20 8.61 4.76
N THR A 54 24.10 7.32 5.03
CA THR A 54 24.33 6.85 6.38
C THR A 54 25.40 5.79 6.59
N ILE A 55 25.88 5.19 5.52
CA ILE A 55 26.88 4.14 5.64
C ILE A 55 28.19 4.50 4.96
N PRO A 56 29.25 4.61 5.75
CA PRO A 56 30.58 4.96 5.22
C PRO A 56 31.15 3.91 4.28
N ILE A 57 31.53 4.34 3.09
CA ILE A 57 32.13 3.46 2.09
C ILE A 57 33.63 3.69 2.14
N LEU A 58 34.36 2.74 2.71
CA LEU A 58 35.80 2.87 2.91
C LEU A 58 36.72 1.81 2.34
N LEU A 59 37.93 2.23 2.04
CA LEU A 59 38.96 1.34 1.54
C LEU A 59 39.97 1.38 2.66
N GLN A 60 39.98 0.32 3.46
CA GLN A 60 40.87 0.23 4.62
C GLN A 60 42.07 -0.69 4.48
N PHE A 61 43.05 -0.47 5.33
CA PHE A 61 44.28 -1.28 5.36
C PHE A 61 44.81 -1.43 6.79
N ARG A 62 45.45 -2.56 7.06
CA ARG A 62 46.02 -2.83 8.39
C ARG A 62 47.35 -2.10 8.60
N GLU A 63 48.07 -1.83 7.52
CA GLU A 63 49.33 -1.10 7.58
C GLU A 63 49.21 0.10 6.66
N LYS A 64 49.69 1.26 7.12
CA LYS A 64 49.60 2.47 6.30
C LYS A 64 50.27 2.25 4.95
N PRO A 65 49.51 2.42 3.84
CA PRO A 65 50.04 2.24 2.49
C PRO A 65 51.14 3.24 2.13
N ARG A 66 52.05 2.80 1.26
CA ARG A 66 53.16 3.65 0.83
C ARG A 66 52.71 4.47 -0.37
N VAL A 67 51.57 5.15 -0.23
CA VAL A 67 51.02 5.98 -1.30
C VAL A 67 50.37 7.23 -0.73
N GLY A 68 50.16 8.23 -1.58
CA GLY A 68 49.54 9.46 -1.13
C GLY A 68 48.76 10.17 -2.21
N PRO A 69 48.21 11.35 -1.91
CA PRO A 69 47.42 12.15 -2.87
C PRO A 69 48.07 12.20 -4.23
N GLY A 70 47.27 12.05 -5.29
CA GLY A 70 47.80 12.11 -6.63
C GLY A 70 48.29 10.79 -7.23
N ASN A 71 48.74 9.86 -6.40
CA ASN A 71 49.21 8.59 -6.95
C ASN A 71 48.08 7.76 -7.53
N THR A 72 48.41 6.92 -8.50
CA THR A 72 47.46 6.01 -9.10
C THR A 72 47.96 4.65 -8.63
N VAL A 73 47.08 3.88 -8.01
CA VAL A 73 47.48 2.58 -7.51
C VAL A 73 46.70 1.44 -8.13
N ALA A 74 47.39 0.33 -8.36
CA ALA A 74 46.77 -0.85 -8.92
C ALA A 74 46.16 -1.62 -7.74
N LEU A 75 44.91 -2.05 -7.89
CA LEU A 75 44.25 -2.81 -6.83
C LEU A 75 44.26 -4.28 -7.24
N LEU A 76 44.88 -5.10 -6.40
CA LEU A 76 45.00 -6.52 -6.67
C LEU A 76 43.99 -7.37 -5.93
N HIS A 77 43.51 -8.39 -6.62
CA HIS A 77 42.53 -9.33 -6.07
C HIS A 77 42.60 -10.59 -6.91
N GLY A 78 42.62 -11.75 -6.27
CA GLY A 78 42.68 -12.99 -7.01
C GLY A 78 43.95 -13.11 -7.83
N GLY A 79 45.00 -12.43 -7.37
CA GLY A 79 46.27 -12.47 -8.05
C GLY A 79 46.45 -11.47 -9.17
N GLU A 80 45.36 -11.14 -9.87
CA GLU A 80 45.44 -10.19 -10.98
C GLU A 80 45.04 -8.78 -10.58
N ARG A 81 45.45 -7.80 -11.39
CA ARG A 81 45.13 -6.40 -11.17
C ARG A 81 43.69 -6.23 -11.63
N VAL A 82 42.82 -5.83 -10.69
CA VAL A 82 41.40 -5.70 -10.97
C VAL A 82 40.91 -4.28 -11.25
N ALA A 83 41.58 -3.30 -10.68
CA ALA A 83 41.13 -1.93 -10.88
C ALA A 83 42.23 -0.91 -10.62
N LEU A 84 41.87 0.36 -10.78
CA LEU A 84 42.81 1.45 -10.57
C LEU A 84 42.19 2.48 -9.64
N LEU A 85 42.97 2.85 -8.62
CA LEU A 85 42.54 3.84 -7.64
C LEU A 85 43.28 5.15 -7.83
N HIS A 86 42.55 6.26 -7.78
CA HIS A 86 43.14 7.58 -7.92
C HIS A 86 43.17 8.25 -6.54
N VAL A 87 44.11 7.83 -5.71
CA VAL A 87 44.24 8.35 -4.35
C VAL A 87 44.04 9.85 -4.25
N ALA A 88 43.07 10.25 -3.42
CA ALA A 88 42.78 11.66 -3.22
C ALA A 88 43.14 12.05 -1.80
N GLU A 89 43.42 11.05 -0.96
CA GLU A 89 43.74 11.30 0.44
C GLU A 89 44.16 10.02 1.16
N ALA A 90 45.02 10.17 2.15
CA ALA A 90 45.50 9.06 2.95
C ALA A 90 45.33 9.50 4.40
N TYR A 91 44.59 8.71 5.19
CA TYR A 91 44.35 9.06 6.58
C TYR A 91 44.11 7.83 7.46
N GLU A 92 43.97 8.09 8.75
CA GLU A 92 43.73 7.01 9.71
C GLU A 92 42.43 7.32 10.44
N LEU A 93 41.69 6.28 10.80
CA LEU A 93 40.42 6.48 11.49
C LEU A 93 40.41 5.90 12.88
N ASP A 94 39.57 6.47 13.73
CA ASP A 94 39.39 5.95 15.08
C ASP A 94 38.17 5.05 14.88
N LEU A 95 38.41 3.79 14.51
CA LEU A 95 37.35 2.83 14.25
C LEU A 95 36.31 2.70 15.36
N GLU A 96 36.76 2.72 16.61
CA GLU A 96 35.86 2.60 17.76
C GLU A 96 34.84 3.72 17.83
N ALA A 97 35.28 4.94 17.52
CA ALA A 97 34.36 6.08 17.53
C ALA A 97 33.42 5.97 16.34
N LEU A 98 33.98 5.51 15.22
CA LEU A 98 33.23 5.34 13.99
C LEU A 98 32.14 4.28 14.16
N ALA A 99 32.49 3.16 14.77
CA ALA A 99 31.57 2.06 15.00
C ALA A 99 30.40 2.47 15.89
N ARG A 100 30.66 3.34 16.86
CA ARG A 100 29.60 3.77 17.77
C ARG A 100 28.58 4.61 17.02
N ALA A 101 29.07 5.42 16.10
CA ALA A 101 28.20 6.29 15.33
C ALA A 101 27.42 5.52 14.25
N VAL A 102 28.06 4.53 13.65
CA VAL A 102 27.44 3.76 12.59
C VAL A 102 26.59 2.59 13.10
N PHE A 103 27.10 1.86 14.09
CA PHE A 103 26.39 0.72 14.62
C PHE A 103 25.69 0.92 15.96
N GLY A 104 26.08 1.96 16.70
CA GLY A 104 25.46 2.22 18.00
C GLY A 104 26.19 1.47 19.10
N THR A 105 27.31 0.84 18.74
CA THR A 105 28.11 0.08 19.70
C THR A 105 29.50 -0.16 19.12
N ASP A 106 30.49 -0.28 20.00
CA ASP A 106 31.85 -0.52 19.53
C ASP A 106 32.33 -1.89 19.93
N SER A 107 31.40 -2.69 20.43
CA SER A 107 31.70 -4.06 20.85
C SER A 107 31.97 -4.90 19.62
N GLU A 108 33.07 -5.62 19.65
CA GLU A 108 33.46 -6.47 18.55
C GLU A 108 32.53 -7.70 18.46
N THR A 109 31.57 -7.79 19.38
CA THR A 109 30.62 -8.90 19.34
C THR A 109 29.61 -8.66 18.24
N HIS A 110 29.49 -7.39 17.81
CA HIS A 110 28.60 -7.02 16.71
C HIS A 110 29.35 -7.43 15.44
N PRO A 111 28.74 -8.30 14.60
CA PRO A 111 29.39 -8.77 13.37
C PRO A 111 29.87 -7.63 12.46
N GLY A 112 29.04 -6.62 12.26
CA GLY A 112 29.43 -5.49 11.42
C GLY A 112 30.63 -4.75 11.97
N VAL A 113 30.64 -4.56 13.29
CA VAL A 113 31.73 -3.89 13.97
C VAL A 113 33.03 -4.68 13.83
N ALA A 114 32.92 -6.00 13.93
CA ALA A 114 34.10 -6.86 13.85
C ALA A 114 34.73 -6.81 12.46
N ARG A 115 33.88 -6.80 11.44
CA ARG A 115 34.36 -6.76 10.07
C ARG A 115 35.12 -5.45 9.84
N LEU A 116 34.55 -4.35 10.34
CA LEU A 116 35.17 -3.04 10.22
C LEU A 116 36.54 -3.02 10.87
N TYR A 117 36.63 -3.44 12.13
CA TYR A 117 37.90 -3.46 12.85
C TYR A 117 38.93 -4.33 12.12
N GLY A 118 38.48 -5.48 11.62
CA GLY A 118 39.39 -6.39 10.93
C GLY A 118 40.09 -5.84 9.70
N LYS A 119 39.50 -4.83 9.06
CA LYS A 119 40.08 -4.26 7.85
C LYS A 119 41.23 -3.28 8.09
N GLY A 120 41.36 -2.78 9.31
CA GLY A 120 42.43 -1.83 9.60
C GLY A 120 42.00 -0.39 9.70
N PRO A 121 42.77 0.45 10.41
CA PRO A 121 42.46 1.88 10.58
C PRO A 121 43.00 2.83 9.52
N TYR A 122 43.83 2.34 8.60
CA TYR A 122 44.38 3.21 7.56
C TYR A 122 43.47 3.23 6.35
N ALA A 123 43.11 4.43 5.90
CA ALA A 123 42.20 4.55 4.77
C ALA A 123 42.70 5.40 3.61
N LEU A 124 42.23 5.05 2.42
CA LEU A 124 42.56 5.75 1.18
C LEU A 124 41.24 6.17 0.55
N ALA A 125 41.16 7.42 0.09
CA ALA A 125 39.96 7.92 -0.57
C ALA A 125 40.24 8.16 -2.05
N GLY A 126 39.18 8.26 -2.85
CA GLY A 126 39.36 8.51 -4.27
C GLY A 126 38.49 7.69 -5.20
N ARG A 127 38.35 8.18 -6.44
CA ARG A 127 37.56 7.49 -7.44
C ARG A 127 38.30 6.25 -7.94
N VAL A 128 37.56 5.31 -8.48
CA VAL A 128 38.16 4.08 -8.97
C VAL A 128 37.65 3.73 -10.36
N GLU A 129 38.50 3.05 -11.13
CA GLU A 129 38.14 2.63 -12.47
C GLU A 129 38.34 1.12 -12.56
N VAL A 130 37.32 0.44 -13.06
CA VAL A 130 37.37 -1.00 -13.19
C VAL A 130 38.12 -1.44 -14.43
N LEU A 131 39.06 -2.35 -14.25
CA LEU A 131 39.84 -2.87 -15.37
C LEU A 131 39.34 -4.26 -15.71
N LYS A 132 39.43 -5.15 -14.73
CA LYS A 132 38.95 -6.52 -14.88
C LYS A 132 37.62 -6.58 -14.15
N PRO A 133 36.50 -6.52 -14.88
CA PRO A 133 35.19 -6.59 -14.22
C PRO A 133 35.04 -7.98 -13.62
N ARG A 134 34.41 -8.09 -12.45
CA ARG A 134 34.23 -9.43 -11.91
C ARG A 134 33.10 -10.11 -12.65
N PRO A 135 33.24 -11.41 -12.90
CA PRO A 135 32.21 -12.18 -13.60
C PRO A 135 30.87 -12.16 -12.85
N ARG A 136 29.82 -11.75 -13.54
CA ARG A 136 28.50 -11.67 -12.94
C ARG A 136 27.57 -12.74 -13.50
N THR A 137 26.61 -13.19 -12.69
CA THR A 137 25.64 -14.17 -13.15
C THR A 137 24.48 -13.34 -13.69
N PRO A 138 23.50 -13.98 -14.35
CA PRO A 138 22.37 -13.19 -14.86
C PRO A 138 21.64 -12.37 -13.80
N LEU A 139 21.65 -12.88 -12.57
CA LEU A 139 21.00 -12.24 -11.42
C LEU A 139 21.65 -10.95 -10.95
N GLU A 140 22.97 -10.89 -11.04
CA GLU A 140 23.70 -9.72 -10.59
C GLU A 140 23.68 -8.57 -11.59
N LYS A 141 22.52 -7.97 -11.77
CA LYS A 141 22.39 -6.86 -12.69
C LYS A 141 22.81 -5.51 -12.10
N THR A 142 23.33 -4.64 -12.97
CA THR A 142 23.78 -3.31 -12.59
C THR A 142 22.58 -2.37 -12.46
N PRO A 143 22.77 -1.24 -11.79
CA PRO A 143 21.62 -0.33 -11.67
C PRO A 143 21.03 0.05 -13.03
N GLU A 144 21.88 0.27 -14.03
CA GLU A 144 21.36 0.64 -15.34
C GLU A 144 20.61 -0.51 -16.00
N GLU A 145 21.10 -1.74 -15.79
CA GLU A 145 20.42 -2.90 -16.36
C GLU A 145 19.06 -3.07 -15.71
N VAL A 146 18.96 -2.86 -14.39
CA VAL A 146 17.68 -3.00 -13.71
C VAL A 146 16.69 -1.92 -14.14
N ARG A 147 17.14 -0.68 -14.21
CA ARG A 147 16.28 0.43 -14.63
C ARG A 147 15.80 0.20 -16.06
N ALA A 148 16.65 -0.41 -16.88
CA ALA A 148 16.32 -0.69 -18.27
C ALA A 148 15.28 -1.80 -18.33
N PHE A 149 15.43 -2.76 -17.41
CA PHE A 149 14.52 -3.88 -17.31
C PHE A 149 13.13 -3.34 -16.96
N PHE A 150 13.07 -2.40 -16.02
CA PHE A 150 11.80 -1.82 -15.60
C PHE A 150 11.14 -1.08 -16.76
N ARG A 151 11.92 -0.28 -17.48
CA ARG A 151 11.36 0.48 -18.60
C ARG A 151 10.77 -0.45 -19.64
N GLN A 152 11.53 -1.48 -19.99
CA GLN A 152 11.11 -2.45 -20.98
C GLN A 152 9.76 -3.08 -20.68
N ARG A 153 9.53 -3.44 -19.43
CA ARG A 153 8.27 -4.07 -19.05
C ARG A 153 7.18 -3.08 -18.70
N GLY A 154 7.49 -1.79 -18.83
CA GLY A 154 6.51 -0.76 -18.55
C GLY A 154 6.09 -0.62 -17.11
N TRP A 155 6.99 -0.94 -16.17
CA TRP A 155 6.66 -0.80 -14.76
C TRP A 155 6.95 0.64 -14.34
N ARG A 156 5.94 1.31 -13.80
CA ARG A 156 6.12 2.69 -13.35
C ARG A 156 6.36 2.68 -11.86
N LYS A 157 5.47 2.02 -11.13
CA LYS A 157 5.54 1.92 -9.68
C LYS A 157 6.22 0.59 -9.34
N VAL A 158 7.35 0.66 -8.66
CA VAL A 158 8.12 -0.52 -8.29
C VAL A 158 8.53 -0.53 -6.82
N VAL A 159 8.09 -1.55 -6.10
CA VAL A 159 8.46 -1.68 -4.70
C VAL A 159 9.59 -2.69 -4.59
N ALA A 160 10.67 -2.27 -3.95
CA ALA A 160 11.83 -3.12 -3.77
C ALA A 160 11.76 -3.79 -2.41
N PHE A 161 12.28 -5.01 -2.34
CA PHE A 161 12.30 -5.79 -1.13
C PHE A 161 13.72 -6.27 -0.88
N GLN A 162 14.26 -5.86 0.27
CA GLN A 162 15.60 -6.23 0.69
C GLN A 162 15.51 -7.51 1.48
N THR A 163 16.60 -8.29 1.45
CA THR A 163 16.67 -9.51 2.20
C THR A 163 18.07 -10.09 2.19
N ARG A 164 18.40 -10.79 3.26
CA ARG A 164 19.69 -11.44 3.41
C ARG A 164 19.44 -12.90 3.70
N ASN A 165 18.19 -13.31 3.64
CA ASN A 165 17.89 -14.70 3.95
C ASN A 165 16.98 -15.45 2.98
N ALA A 166 16.76 -16.72 3.31
CA ALA A 166 15.86 -17.56 2.53
C ALA A 166 14.49 -17.06 3.00
N PRO A 167 13.45 -17.22 2.17
CA PRO A 167 12.13 -16.74 2.59
C PRO A 167 11.25 -17.61 3.48
N HIS A 168 10.61 -16.97 4.45
CA HIS A 168 9.65 -17.64 5.31
C HIS A 168 8.34 -16.93 5.00
N ARG A 169 7.23 -17.36 5.60
CA ARG A 169 5.94 -16.75 5.33
C ARG A 169 5.82 -15.27 5.66
N ALA A 170 6.63 -14.78 6.61
CA ALA A 170 6.58 -13.37 6.94
C ALA A 170 7.19 -12.57 5.78
N HIS A 171 8.34 -13.01 5.28
CA HIS A 171 8.99 -12.32 4.16
C HIS A 171 7.99 -12.27 2.99
N GLU A 172 7.35 -13.39 2.74
CA GLU A 172 6.39 -13.49 1.64
C GLU A 172 5.23 -12.53 1.78
N TYR A 173 4.84 -12.23 3.02
CA TYR A 173 3.74 -11.29 3.26
C TYR A 173 4.14 -9.89 2.78
N LEU A 174 5.38 -9.50 3.08
CA LEU A 174 5.88 -8.19 2.64
C LEU A 174 5.87 -8.13 1.11
N ILE A 175 6.35 -9.21 0.50
CA ILE A 175 6.39 -9.28 -0.96
C ILE A 175 4.98 -9.17 -1.55
N ARG A 176 4.03 -9.84 -0.92
CA ARG A 176 2.65 -9.80 -1.39
C ARG A 176 2.04 -8.43 -1.20
N LEU A 177 2.41 -7.75 -0.11
CA LEU A 177 1.90 -6.41 0.14
C LEU A 177 2.42 -5.55 -1.01
N GLY A 178 3.68 -5.76 -1.36
CA GLY A 178 4.28 -5.02 -2.45
C GLY A 178 3.59 -5.30 -3.78
N LEU A 179 3.27 -6.57 -4.03
CA LEU A 179 2.60 -6.95 -5.26
C LEU A 179 1.25 -6.26 -5.41
N GLU A 180 0.58 -6.02 -4.28
CA GLU A 180 -0.72 -5.37 -4.27
C GLU A 180 -0.64 -3.86 -4.53
N LEU A 181 0.51 -3.26 -4.29
CA LEU A 181 0.64 -1.81 -4.47
C LEU A 181 1.46 -1.36 -5.67
N ALA A 182 2.09 -2.27 -6.37
CA ALA A 182 2.93 -1.87 -7.49
C ALA A 182 2.74 -2.65 -8.80
N ASP A 183 3.31 -2.14 -9.88
CA ASP A 183 3.22 -2.82 -11.16
C ASP A 183 4.07 -4.08 -11.07
N GLY A 184 5.12 -4.00 -10.26
CA GLY A 184 6.02 -5.12 -10.05
C GLY A 184 6.83 -4.97 -8.77
N VAL A 185 7.37 -6.08 -8.29
CA VAL A 185 8.17 -6.08 -7.08
C VAL A 185 9.57 -6.58 -7.40
N LEU A 186 10.56 -5.92 -6.82
CA LEU A 186 11.95 -6.34 -7.02
C LEU A 186 12.46 -7.01 -5.75
N VAL A 187 12.68 -8.32 -5.82
CA VAL A 187 13.25 -9.05 -4.68
C VAL A 187 14.75 -8.96 -4.95
N HIS A 188 15.45 -8.25 -4.06
CA HIS A 188 16.88 -7.94 -4.23
C HIS A 188 17.78 -8.49 -3.12
N PRO A 189 18.04 -9.80 -3.11
CA PRO A 189 18.89 -10.40 -2.07
C PRO A 189 20.30 -9.86 -2.01
N ILE A 190 20.83 -9.71 -0.79
CA ILE A 190 22.21 -9.27 -0.59
C ILE A 190 23.09 -10.47 -0.92
N LEU A 191 24.11 -10.29 -1.76
CA LEU A 191 25.00 -11.38 -2.15
C LEU A 191 26.40 -11.33 -1.58
N GLY A 192 26.70 -10.29 -0.80
CA GLY A 192 28.03 -10.18 -0.21
C GLY A 192 28.13 -10.93 1.12
N ALA A 193 29.26 -10.77 1.80
CA ALA A 193 29.50 -11.42 3.07
C ALA A 193 28.37 -11.23 4.10
N LYS A 194 28.07 -12.29 4.84
CA LYS A 194 27.05 -12.25 5.87
C LYS A 194 27.63 -12.94 7.10
N LYS A 195 27.00 -12.77 8.26
CA LYS A 195 27.47 -13.42 9.48
C LYS A 195 27.18 -14.90 9.30
N PRO A 196 27.80 -15.77 10.13
CA PRO A 196 27.61 -17.22 10.04
C PRO A 196 26.22 -17.86 9.96
N ASP A 197 25.26 -17.41 10.76
CA ASP A 197 23.94 -18.05 10.74
C ASP A 197 22.94 -17.61 9.68
N ASP A 198 23.34 -16.74 8.77
CA ASP A 198 22.44 -16.35 7.68
C ASP A 198 22.56 -17.49 6.67
N PHE A 199 21.53 -17.69 5.86
CA PHE A 199 21.56 -18.75 4.85
C PHE A 199 22.48 -18.40 3.69
N PRO A 200 23.24 -19.39 3.19
CA PRO A 200 24.14 -19.15 2.06
C PRO A 200 23.34 -18.66 0.87
N THR A 201 23.98 -17.87 0.02
CA THR A 201 23.33 -17.30 -1.14
C THR A 201 22.73 -18.37 -2.06
N GLU A 202 23.40 -19.51 -2.19
CA GLU A 202 22.89 -20.55 -3.06
C GLU A 202 21.53 -21.06 -2.60
N VAL A 203 21.26 -21.12 -1.30
CA VAL A 203 19.96 -21.60 -0.87
C VAL A 203 18.95 -20.46 -0.95
N ILE A 204 19.43 -19.23 -0.85
CA ILE A 204 18.57 -18.06 -0.94
C ILE A 204 18.06 -17.99 -2.38
N VAL A 205 18.97 -18.22 -3.33
CA VAL A 205 18.63 -18.20 -4.73
C VAL A 205 17.65 -19.33 -5.13
N GLU A 206 17.91 -20.54 -4.66
CA GLU A 206 17.03 -21.67 -4.96
C GLU A 206 15.67 -21.52 -4.29
N ALA A 207 15.66 -21.06 -3.05
CA ALA A 207 14.42 -20.88 -2.29
C ALA A 207 13.51 -19.84 -2.92
N TYR A 208 14.07 -18.68 -3.24
CA TYR A 208 13.26 -17.64 -3.83
C TYR A 208 12.77 -18.00 -5.22
N GLN A 209 13.62 -18.63 -6.03
CA GLN A 209 13.19 -19.00 -7.37
C GLN A 209 12.04 -20.01 -7.30
N ALA A 210 12.04 -20.85 -6.27
CA ALA A 210 10.96 -21.83 -6.12
C ALA A 210 9.70 -21.13 -5.62
N LEU A 211 9.88 -20.20 -4.67
CA LEU A 211 8.72 -19.48 -4.13
C LEU A 211 8.06 -18.66 -5.23
N ILE A 212 8.89 -18.01 -6.04
CA ILE A 212 8.41 -17.17 -7.13
C ILE A 212 7.77 -18.03 -8.23
N ARG A 213 8.44 -19.11 -8.58
CA ARG A 213 7.96 -20.01 -9.63
C ARG A 213 6.65 -20.75 -9.32
N ASP A 214 6.47 -21.18 -8.07
CA ASP A 214 5.28 -21.95 -7.72
C ASP A 214 4.18 -21.22 -6.93
N PHE A 215 4.51 -20.14 -6.24
CA PHE A 215 3.50 -19.47 -5.43
C PHE A 215 3.22 -18.00 -5.68
N LEU A 216 4.00 -17.39 -6.56
CA LEU A 216 3.85 -15.97 -6.86
C LEU A 216 3.72 -15.75 -8.35
N PRO A 217 3.15 -14.61 -8.77
CA PRO A 217 3.04 -14.38 -10.21
C PRO A 217 4.46 -14.18 -10.78
N GLN A 218 5.02 -15.21 -11.40
CA GLN A 218 6.38 -15.16 -11.97
C GLN A 218 6.51 -13.89 -12.79
N GLU A 219 5.42 -13.59 -13.45
CA GLU A 219 5.25 -12.45 -14.31
C GLU A 219 5.66 -11.09 -13.70
N ARG A 220 5.29 -10.85 -12.46
CA ARG A 220 5.60 -9.56 -11.85
C ARG A 220 6.59 -9.52 -10.68
N VAL A 221 7.47 -10.50 -10.60
CA VAL A 221 8.47 -10.51 -9.52
C VAL A 221 9.88 -10.64 -10.09
N ALA A 222 10.56 -9.51 -10.21
CA ALA A 222 11.94 -9.51 -10.73
C ALA A 222 12.84 -9.93 -9.60
N PHE A 223 13.64 -10.94 -9.86
CA PHE A 223 14.55 -11.48 -8.87
C PHE A 223 16.00 -11.21 -9.25
N PHE A 224 16.60 -10.20 -8.63
CA PHE A 224 17.99 -9.84 -8.93
C PHE A 224 18.80 -9.74 -7.64
N GLY A 225 20.11 -9.88 -7.75
CA GLY A 225 20.95 -9.81 -6.57
C GLY A 225 21.85 -8.60 -6.41
N LEU A 226 21.92 -8.08 -5.17
CA LEU A 226 22.76 -6.94 -4.83
C LEU A 226 24.01 -7.46 -4.14
N ALA A 227 25.14 -7.37 -4.83
CA ALA A 227 26.40 -7.84 -4.28
C ALA A 227 27.12 -6.77 -3.46
N THR A 228 26.96 -6.85 -2.15
CA THR A 228 27.59 -5.94 -1.21
C THR A 228 27.39 -6.63 0.14
N PRO A 229 28.31 -6.43 1.07
CA PRO A 229 28.20 -7.07 2.40
C PRO A 229 26.99 -6.55 3.17
N MET A 230 26.63 -7.27 4.22
CA MET A 230 25.57 -6.85 5.12
C MET A 230 26.40 -6.11 6.17
N ARG A 231 25.87 -5.04 6.73
CA ARG A 231 26.60 -4.34 7.77
C ARG A 231 25.94 -4.68 9.11
N TYR A 232 24.66 -5.07 9.06
CA TYR A 232 23.89 -5.35 10.27
C TYR A 232 23.91 -4.09 11.16
N ALA A 233 23.64 -2.94 10.55
CA ALA A 233 23.60 -1.65 11.27
C ALA A 233 22.18 -1.18 11.49
N GLY A 234 21.22 -2.10 11.36
CA GLY A 234 19.82 -1.74 11.58
C GLY A 234 19.29 -0.48 10.91
N PRO A 235 18.72 0.46 11.69
CA PRO A 235 18.16 1.71 11.18
C PRO A 235 19.02 2.40 10.10
N LYS A 236 20.28 2.61 10.39
CA LYS A 236 21.15 3.27 9.41
C LYS A 236 21.36 2.46 8.14
N GLU A 237 21.39 1.13 8.25
CA GLU A 237 21.56 0.30 7.06
C GLU A 237 20.24 0.33 6.26
N ALA A 238 19.14 0.52 6.97
CA ALA A 238 17.84 0.58 6.31
C ALA A 238 17.80 1.78 5.35
N VAL A 239 18.31 2.92 5.81
CA VAL A 239 18.34 4.11 4.98
C VAL A 239 19.24 3.82 3.77
N PHE A 240 20.38 3.19 4.02
CA PHE A 240 21.34 2.80 2.97
C PHE A 240 20.61 1.92 1.94
N HIS A 241 19.92 0.88 2.42
CA HIS A 241 19.19 -0.03 1.54
C HIS A 241 18.18 0.69 0.64
N ALA A 242 17.40 1.58 1.23
CA ALA A 242 16.41 2.33 0.48
C ALA A 242 17.06 3.20 -0.61
N LEU A 243 18.11 3.93 -0.23
CA LEU A 243 18.80 4.82 -1.15
C LEU A 243 19.39 4.05 -2.31
N VAL A 244 20.02 2.91 -2.03
CA VAL A 244 20.59 2.13 -3.09
C VAL A 244 19.49 1.58 -4.02
N ARG A 245 18.36 1.18 -3.45
CA ARG A 245 17.28 0.64 -4.29
C ARG A 245 16.71 1.73 -5.21
N LYS A 246 16.76 2.97 -4.73
CA LYS A 246 16.30 4.11 -5.50
C LYS A 246 17.17 4.22 -6.74
N ASN A 247 18.46 3.91 -6.61
CA ASN A 247 19.34 3.99 -7.75
C ASN A 247 19.05 2.86 -8.75
N PHE A 248 18.44 1.78 -8.26
CA PHE A 248 18.12 0.65 -9.13
C PHE A 248 16.79 0.84 -9.83
N GLY A 249 16.11 1.95 -9.54
CA GLY A 249 14.84 2.23 -10.18
C GLY A 249 13.61 2.05 -9.30
N ALA A 250 13.79 1.56 -8.07
CA ALA A 250 12.64 1.37 -7.19
C ALA A 250 12.02 2.72 -6.84
N THR A 251 10.70 2.75 -6.68
CA THR A 251 10.01 3.97 -6.30
C THR A 251 9.53 3.79 -4.87
N HIS A 252 9.57 2.54 -4.41
CA HIS A 252 9.13 2.22 -3.07
C HIS A 252 10.07 1.21 -2.45
N PHE A 253 10.14 1.22 -1.13
CA PHE A 253 11.01 0.32 -0.42
C PHE A 253 10.34 -0.14 0.86
N LEU A 254 10.27 -1.46 1.02
CA LEU A 254 9.68 -2.08 2.17
C LEU A 254 10.66 -2.09 3.34
N VAL A 255 10.14 -1.90 4.53
CA VAL A 255 10.93 -1.91 5.75
C VAL A 255 10.03 -2.55 6.79
N GLY A 256 10.31 -3.81 7.10
CA GLY A 256 9.51 -4.52 8.10
C GLY A 256 10.05 -4.37 9.51
N ARG A 257 9.96 -5.44 10.28
CA ARG A 257 10.41 -5.46 11.66
C ARG A 257 11.92 -5.66 11.76
N ASP A 258 12.55 -4.89 12.64
CA ASP A 258 13.99 -4.98 12.86
C ASP A 258 14.80 -5.11 11.57
N HIS A 259 14.52 -4.24 10.61
CA HIS A 259 15.23 -4.27 9.33
C HIS A 259 16.73 -4.17 9.55
N ALA A 260 17.47 -5.09 8.95
CA ALA A 260 18.93 -5.13 9.04
C ALA A 260 19.52 -5.25 10.44
N GLY A 261 18.77 -5.78 11.40
CA GLY A 261 19.32 -5.91 12.75
C GLY A 261 20.13 -7.18 12.97
N VAL A 262 20.85 -7.28 14.10
CA VAL A 262 21.60 -8.49 14.45
C VAL A 262 21.04 -8.89 15.79
N GLY A 263 20.52 -10.10 15.90
CA GLY A 263 19.94 -10.51 17.16
C GLY A 263 18.87 -9.49 17.49
N ASP A 264 18.86 -9.02 18.73
CA ASP A 264 17.87 -8.05 19.17
C ASP A 264 18.49 -6.76 19.69
N PHE A 265 19.62 -6.36 19.13
CA PHE A 265 20.31 -5.15 19.56
C PHE A 265 19.57 -3.85 19.26
N TYR A 266 18.94 -3.73 18.09
CA TYR A 266 18.19 -2.52 17.76
C TYR A 266 16.72 -2.69 18.09
N ASP A 267 16.08 -1.60 18.44
CA ASP A 267 14.66 -1.62 18.74
C ASP A 267 13.94 -2.02 17.46
N PRO A 268 12.97 -2.94 17.57
CA PRO A 268 12.15 -3.48 16.49
C PRO A 268 11.71 -2.49 15.41
N TYR A 269 11.37 -1.27 15.80
CA TYR A 269 10.91 -0.29 14.83
C TYR A 269 11.76 0.98 14.71
N ALA A 270 13.01 0.92 15.17
CA ALA A 270 13.87 2.09 15.07
C ALA A 270 14.11 2.40 13.59
N ALA A 271 14.05 1.37 12.74
CA ALA A 271 14.30 1.58 11.31
C ALA A 271 13.10 2.24 10.64
N HIS A 272 11.96 2.28 11.33
CA HIS A 272 10.77 2.94 10.81
C HIS A 272 10.93 4.42 11.15
N ARG A 273 11.26 4.66 12.41
CA ARG A 273 11.43 5.99 12.97
C ARG A 273 12.53 6.84 12.37
N ILE A 274 13.67 6.22 12.05
CA ILE A 274 14.79 6.97 11.51
C ILE A 274 14.39 7.79 10.28
N PHE A 275 13.46 7.26 9.48
CA PHE A 275 13.03 7.99 8.29
C PHE A 275 12.30 9.28 8.67
N ASP A 276 11.70 9.29 9.86
CA ASP A 276 10.98 10.47 10.35
C ASP A 276 11.90 11.64 10.66
N ARG A 277 13.16 11.34 10.95
CA ARG A 277 14.14 12.34 11.28
C ARG A 277 15.06 12.68 10.10
N LEU A 278 14.57 12.38 8.90
CA LEU A 278 15.30 12.64 7.68
C LEU A 278 14.37 13.32 6.67
N PRO A 279 14.93 13.99 5.66
CA PRO A 279 14.12 14.65 4.64
C PRO A 279 13.59 13.62 3.65
N PRO A 280 12.60 13.99 2.83
CA PRO A 280 12.07 13.04 1.84
C PRO A 280 13.30 12.56 1.07
N LEU A 281 13.33 11.28 0.69
CA LEU A 281 14.50 10.74 0.01
C LEU A 281 14.40 10.48 -1.48
N GLY A 282 13.23 10.64 -2.06
CA GLY A 282 13.10 10.37 -3.48
C GLY A 282 12.65 8.94 -3.73
N ILE A 283 12.21 8.27 -2.66
CA ILE A 283 11.70 6.91 -2.73
C ILE A 283 10.79 6.78 -1.51
N GLU A 284 9.57 6.31 -1.73
CA GLU A 284 8.60 6.17 -0.65
C GLU A 284 8.92 4.95 0.21
N ILE A 285 8.81 5.10 1.53
CA ILE A 285 9.07 3.99 2.43
C ILE A 285 7.76 3.32 2.81
N VAL A 286 7.67 2.01 2.58
CA VAL A 286 6.47 1.27 2.95
C VAL A 286 6.76 0.49 4.22
N LYS A 287 6.28 1.01 5.34
CA LYS A 287 6.52 0.37 6.64
C LYS A 287 5.46 -0.64 7.01
N VAL A 288 5.89 -1.79 7.53
CA VAL A 288 4.96 -2.81 7.97
C VAL A 288 5.50 -3.38 9.29
N GLY A 289 4.60 -3.60 10.23
CA GLY A 289 5.03 -4.11 11.51
C GLY A 289 5.37 -5.58 11.54
N ALA A 290 5.40 -6.14 12.74
CA ALA A 290 5.71 -7.53 12.94
C ALA A 290 4.68 -8.38 12.19
N VAL A 291 5.17 -9.39 11.48
CA VAL A 291 4.31 -10.30 10.73
C VAL A 291 4.40 -11.68 11.38
N PHE A 292 3.26 -12.31 11.59
CA PHE A 292 3.21 -13.61 12.26
C PHE A 292 1.98 -14.39 11.81
N HIS A 293 1.80 -15.58 12.39
CA HIS A 293 0.64 -16.38 12.05
C HIS A 293 -0.44 -16.23 13.12
N CYS A 294 -1.68 -16.05 12.69
CA CYS A 294 -2.78 -15.90 13.63
C CYS A 294 -3.96 -16.81 13.28
N PRO A 295 -4.27 -17.77 14.18
CA PRO A 295 -5.36 -18.74 14.01
C PRO A 295 -6.71 -18.04 13.91
N LEU A 296 -6.89 -16.98 14.70
CA LEU A 296 -8.14 -16.23 14.72
C LEU A 296 -8.33 -15.47 13.42
N CYS A 297 -7.31 -14.70 13.02
CA CYS A 297 -7.39 -13.93 11.79
C CYS A 297 -7.50 -14.91 10.61
N GLY A 298 -6.91 -16.09 10.77
CA GLY A 298 -6.97 -17.09 9.72
C GLY A 298 -5.72 -17.29 8.88
N GLY A 299 -4.56 -16.91 9.40
CA GLY A 299 -3.32 -17.07 8.64
C GLY A 299 -2.28 -16.00 8.93
N ILE A 300 -1.44 -15.71 7.95
CA ILE A 300 -0.41 -14.70 8.11
C ILE A 300 -1.03 -13.32 8.28
N ALA A 301 -0.54 -12.58 9.27
CA ALA A 301 -1.05 -11.25 9.55
C ALA A 301 0.02 -10.42 10.26
N SER A 302 -0.28 -9.14 10.48
CA SER A 302 0.67 -8.26 11.13
C SER A 302 0.07 -7.57 12.34
N GLU A 303 0.86 -6.73 12.98
CA GLU A 303 0.40 -6.01 14.15
C GLU A 303 -0.59 -4.92 13.74
N ARG A 304 -0.51 -4.49 12.48
CA ARG A 304 -1.42 -3.46 11.99
C ARG A 304 -2.73 -4.04 11.49
N THR A 305 -2.83 -5.37 11.44
CA THR A 305 -4.09 -6.00 10.99
C THR A 305 -4.66 -7.00 11.99
N CYS A 306 -3.89 -7.29 13.04
CA CYS A 306 -4.34 -8.24 14.06
C CYS A 306 -4.60 -7.54 15.40
N PRO A 307 -5.78 -7.78 15.99
CA PRO A 307 -6.21 -7.22 17.27
C PRO A 307 -5.36 -7.66 18.45
N GLU A 308 -5.15 -6.73 19.38
CA GLU A 308 -4.38 -7.03 20.58
C GLU A 308 -4.89 -8.28 21.27
N GLY A 309 -6.21 -8.45 21.27
CA GLY A 309 -6.80 -9.61 21.91
C GLY A 309 -6.38 -10.95 21.33
N HIS A 310 -5.78 -10.95 20.14
CA HIS A 310 -5.34 -12.20 19.52
C HIS A 310 -3.96 -12.67 20.00
N ARG A 311 -3.15 -11.71 20.46
CA ARG A 311 -1.78 -12.00 20.92
C ARG A 311 -1.50 -13.43 21.40
N GLU A 312 -2.20 -13.84 22.44
CA GLU A 312 -2.02 -15.17 23.02
C GLU A 312 -1.82 -16.27 21.97
N LYS A 313 -2.61 -16.23 20.91
CA LYS A 313 -2.56 -17.25 19.86
C LYS A 313 -1.56 -17.05 18.73
N ARG A 314 -0.92 -15.88 18.69
CA ARG A 314 0.05 -15.61 17.63
C ARG A 314 1.26 -16.51 17.73
N THR A 315 1.88 -16.77 16.57
CA THR A 315 3.09 -17.58 16.51
C THR A 315 4.10 -16.72 15.79
N ALA A 316 5.22 -16.43 16.45
CA ALA A 316 6.25 -15.60 15.87
C ALA A 316 6.95 -16.30 14.72
N ILE A 317 7.36 -15.50 13.73
CA ILE A 317 8.04 -16.01 12.55
C ILE A 317 9.40 -15.34 12.40
N SER A 318 10.46 -16.14 12.47
CA SER A 318 11.80 -15.61 12.31
C SER A 318 12.71 -16.75 11.86
N MET A 319 13.74 -16.42 11.09
CA MET A 319 14.63 -17.43 10.58
C MET A 319 15.49 -18.02 11.69
N THR A 320 15.65 -17.30 12.78
CA THR A 320 16.43 -17.81 13.90
C THR A 320 15.70 -19.03 14.42
N LYS A 321 14.41 -18.89 14.67
CA LYS A 321 13.61 -20.01 15.16
C LYS A 321 13.65 -21.15 14.16
N VAL A 322 13.45 -20.80 12.89
CA VAL A 322 13.44 -21.79 11.82
C VAL A 322 14.73 -22.61 11.76
N ARG A 323 15.88 -21.95 11.81
CA ARG A 323 17.14 -22.66 11.76
C ARG A 323 17.31 -23.54 12.99
N ALA A 324 16.88 -23.04 14.14
CA ALA A 324 16.95 -23.79 15.39
C ALA A 324 16.18 -25.09 15.23
N LEU A 325 14.98 -24.98 14.67
CA LEU A 325 14.15 -26.15 14.45
C LEU A 325 14.86 -27.13 13.53
N LEU A 326 15.42 -26.63 12.43
CA LEU A 326 16.12 -27.49 11.47
C LEU A 326 17.40 -28.10 12.04
N ARG A 327 18.22 -27.30 12.71
CA ARG A 327 19.45 -27.82 13.29
C ARG A 327 19.14 -28.87 14.34
N GLU A 328 17.88 -28.89 14.77
CA GLU A 328 17.44 -29.83 15.79
C GLU A 328 16.82 -31.10 15.18
N GLY A 329 16.74 -31.14 13.86
CA GLY A 329 16.17 -32.30 13.21
C GLY A 329 14.68 -32.19 13.01
N LYS A 330 14.06 -31.22 13.68
CA LYS A 330 12.62 -31.02 13.56
C LYS A 330 12.30 -30.30 12.26
N ALA A 331 11.04 -30.37 11.85
CA ALA A 331 10.60 -29.73 10.63
C ALA A 331 9.78 -28.48 10.94
N PRO A 332 10.24 -27.31 10.49
CA PRO A 332 9.52 -26.06 10.73
C PRO A 332 8.07 -26.22 10.31
N PRO A 333 7.13 -25.80 11.16
CA PRO A 333 5.69 -25.90 10.87
C PRO A 333 5.25 -25.08 9.66
N SER A 334 4.09 -25.44 9.13
CA SER A 334 3.51 -24.79 7.97
C SER A 334 3.26 -23.30 8.17
N GLU A 335 3.01 -22.86 9.40
CA GLU A 335 2.76 -21.45 9.67
C GLU A 335 4.04 -20.59 9.70
N LEU A 336 5.20 -21.23 9.58
CA LEU A 336 6.47 -20.53 9.57
C LEU A 336 7.03 -20.50 8.15
N VAL A 337 7.26 -21.69 7.60
CA VAL A 337 7.80 -21.83 6.26
C VAL A 337 6.92 -22.77 5.44
N ARG A 338 6.98 -22.64 4.12
CA ARG A 338 6.21 -23.49 3.22
C ARG A 338 6.92 -24.84 3.15
N PRO A 339 6.16 -25.94 3.30
CA PRO A 339 6.70 -27.30 3.25
C PRO A 339 7.51 -27.59 2.01
N GLU A 340 7.08 -27.02 0.88
CA GLU A 340 7.76 -27.24 -0.39
C GLU A 340 9.17 -26.66 -0.45
N LEU A 341 9.46 -25.69 0.42
CA LEU A 341 10.79 -25.09 0.43
C LEU A 341 11.73 -25.77 1.40
N LEU A 342 11.17 -26.53 2.33
CA LEU A 342 11.95 -27.23 3.34
C LEU A 342 13.19 -27.99 2.85
N PRO A 343 13.05 -28.82 1.80
CA PRO A 343 14.25 -29.54 1.36
C PRO A 343 15.37 -28.57 1.01
N ILE A 344 14.98 -27.44 0.43
CA ILE A 344 15.96 -26.43 0.03
C ILE A 344 16.66 -25.85 1.27
N LEU A 345 15.90 -25.59 2.32
CA LEU A 345 16.49 -25.03 3.52
C LEU A 345 17.37 -26.02 4.31
N ARG A 346 16.89 -27.25 4.53
CA ARG A 346 17.69 -28.22 5.28
C ARG A 346 19.06 -28.38 4.66
N ARG A 347 19.12 -28.12 3.36
CA ARG A 347 20.34 -28.26 2.59
C ARG A 347 21.43 -27.27 2.97
N GLY A 348 21.04 -26.09 3.46
CA GLY A 348 22.05 -25.11 3.84
C GLY A 348 21.97 -24.66 5.28
N VAL A 349 22.01 -25.61 6.21
CA VAL A 349 21.93 -25.27 7.63
C VAL A 349 23.04 -25.93 8.44
N THR B 4 -48.29 32.15 3.10
CA THR B 4 -47.16 31.19 3.31
C THR B 4 -46.47 30.83 1.99
N LEU B 5 -45.17 30.59 2.06
CA LEU B 5 -44.37 30.22 0.88
C LEU B 5 -44.84 28.92 0.23
N PRO B 6 -44.51 28.74 -1.06
CA PRO B 6 -44.88 27.55 -1.84
C PRO B 6 -44.34 26.27 -1.20
N ALA B 7 -45.16 25.23 -1.15
CA ALA B 7 -44.76 23.97 -0.55
C ALA B 7 -44.64 22.83 -1.57
N LEU B 8 -43.54 22.10 -1.48
CA LEU B 8 -43.28 20.97 -2.37
C LEU B 8 -42.88 19.74 -1.56
N GLU B 9 -43.40 18.58 -1.94
CA GLU B 9 -43.09 17.34 -1.25
C GLU B 9 -41.79 16.76 -1.81
N ILE B 10 -41.04 16.05 -0.97
CA ILE B 10 -39.77 15.44 -1.39
C ILE B 10 -39.66 14.02 -0.88
N GLY B 11 -38.98 13.18 -1.64
CA GLY B 11 -38.81 11.79 -1.25
C GLY B 11 -37.63 11.57 -0.32
N GLU B 12 -37.55 10.37 0.25
CA GLU B 12 -36.47 10.03 1.17
C GLU B 12 -35.11 10.42 0.59
N ASP B 13 -34.85 9.96 -0.63
CA ASP B 13 -33.60 10.24 -1.31
C ASP B 13 -33.29 11.73 -1.30
N GLU B 14 -34.29 12.53 -1.63
CA GLU B 14 -34.15 13.98 -1.67
C GLU B 14 -33.74 14.56 -0.33
N ARG B 15 -34.37 14.08 0.73
CA ARG B 15 -34.09 14.53 2.10
C ARG B 15 -32.63 14.31 2.48
N LEU B 16 -32.11 13.14 2.10
CA LEU B 16 -30.72 12.77 2.40
C LEU B 16 -29.67 13.59 1.69
N ASP B 17 -29.83 13.78 0.38
CA ASP B 17 -28.85 14.54 -0.40
C ASP B 17 -28.87 16.04 -0.14
N LEU B 18 -30.02 16.57 0.23
CA LEU B 18 -30.10 17.99 0.50
C LEU B 18 -29.20 18.26 1.70
N GLU B 19 -29.20 17.34 2.66
CA GLU B 19 -28.36 17.48 3.85
C GLU B 19 -26.89 17.23 3.49
N ASN B 20 -26.64 16.25 2.63
CA ASN B 20 -25.28 15.97 2.22
C ASN B 20 -24.73 17.22 1.54
N LEU B 21 -25.60 17.94 0.82
CA LEU B 21 -25.19 19.16 0.13
C LEU B 21 -24.83 20.28 1.11
N ALA B 22 -25.59 20.36 2.19
CA ALA B 22 -25.37 21.38 3.21
C ALA B 22 -24.21 21.05 4.14
N THR B 23 -23.97 19.76 4.36
CA THR B 23 -22.88 19.33 5.23
C THR B 23 -21.53 19.29 4.53
N GLY B 24 -21.52 19.68 3.25
CA GLY B 24 -20.29 19.70 2.49
C GLY B 24 -19.85 18.31 2.02
N ALA B 25 -20.68 17.31 2.29
CA ALA B 25 -20.38 15.95 1.90
C ALA B 25 -20.26 15.81 0.38
N PHE B 26 -20.81 16.77 -0.36
CA PHE B 26 -20.75 16.70 -1.81
C PHE B 26 -19.89 17.78 -2.45
N PHE B 27 -19.14 18.50 -1.63
CA PHE B 27 -18.26 19.56 -2.11
C PHE B 27 -17.51 19.02 -3.34
N PRO B 28 -17.31 19.85 -4.38
CA PRO B 28 -17.70 21.26 -4.56
C PRO B 28 -19.17 21.49 -4.87
N VAL B 29 -19.94 20.43 -5.07
CA VAL B 29 -21.36 20.58 -5.37
C VAL B 29 -22.02 21.37 -4.25
N LYS B 30 -22.50 22.56 -4.59
CA LYS B 30 -23.15 23.44 -3.63
C LYS B 30 -24.59 23.02 -3.36
N GLY B 31 -25.43 23.11 -4.37
CA GLY B 31 -26.83 22.72 -4.23
C GLY B 31 -27.28 21.97 -5.46
N PHE B 32 -28.55 21.57 -5.50
CA PHE B 32 -29.06 20.85 -6.66
C PHE B 32 -28.71 21.61 -7.92
N MET B 33 -27.83 21.02 -8.72
CA MET B 33 -27.34 21.62 -9.94
C MET B 33 -28.35 22.09 -10.98
N THR B 34 -27.89 22.98 -11.86
CA THR B 34 -28.71 23.54 -12.93
C THR B 34 -28.77 22.58 -14.11
N ARG B 35 -29.21 23.08 -15.26
CA ARG B 35 -29.29 22.25 -16.45
C ARG B 35 -27.92 22.15 -17.11
N GLU B 36 -27.18 23.24 -17.10
CA GLU B 36 -25.84 23.22 -17.69
C GLU B 36 -24.99 22.31 -16.80
N GLU B 37 -25.21 22.45 -15.49
CA GLU B 37 -24.48 21.67 -14.52
C GLU B 37 -24.75 20.17 -14.67
N ALA B 38 -26.01 19.79 -14.81
CA ALA B 38 -26.36 18.38 -14.97
C ALA B 38 -25.78 17.76 -16.24
N LEU B 39 -25.71 18.54 -17.31
CA LEU B 39 -25.18 18.04 -18.58
C LEU B 39 -23.65 18.01 -18.64
N SER B 40 -23.00 19.05 -18.13
CA SER B 40 -21.55 19.09 -18.14
C SER B 40 -20.98 17.94 -17.31
N VAL B 41 -21.61 17.69 -16.17
CA VAL B 41 -21.19 16.62 -15.28
C VAL B 41 -21.36 15.25 -15.92
N ALA B 42 -22.58 14.98 -16.39
CA ALA B 42 -22.90 13.70 -17.01
C ALA B 42 -22.20 13.40 -18.33
N HIS B 43 -21.77 14.43 -19.04
CA HIS B 43 -21.11 14.22 -20.34
C HIS B 43 -19.61 14.46 -20.34
N GLU B 44 -19.14 15.46 -19.60
CA GLU B 44 -17.70 15.73 -19.56
C GLU B 44 -17.10 15.60 -18.16
N MET B 45 -17.78 14.85 -17.31
CA MET B 45 -17.36 14.59 -15.93
C MET B 45 -16.71 15.79 -15.23
N ARG B 46 -17.32 16.96 -15.41
CA ARG B 46 -16.81 18.19 -14.81
C ARG B 46 -17.99 19.13 -14.56
N LEU B 47 -17.86 19.98 -13.56
CA LEU B 47 -18.89 20.96 -13.28
C LEU B 47 -18.55 22.05 -14.29
N PRO B 48 -19.49 22.97 -14.57
CA PRO B 48 -19.14 24.00 -15.55
C PRO B 48 -17.87 24.72 -15.10
N THR B 49 -17.76 24.89 -13.80
CA THR B 49 -16.61 25.55 -13.18
C THR B 49 -15.28 24.91 -13.58
N GLY B 50 -15.21 23.58 -13.47
CA GLY B 50 -14.00 22.88 -13.82
C GLY B 50 -13.69 21.69 -12.92
N GLU B 51 -14.25 21.70 -11.71
CA GLU B 51 -14.02 20.61 -10.77
C GLU B 51 -14.57 19.31 -11.32
N VAL B 52 -13.94 18.20 -10.93
CA VAL B 52 -14.34 16.88 -11.37
C VAL B 52 -15.55 16.38 -10.59
N TRP B 53 -16.57 15.91 -11.30
CA TRP B 53 -17.78 15.36 -10.68
C TRP B 53 -18.51 14.50 -11.71
N THR B 54 -19.01 13.34 -11.26
CA THR B 54 -19.66 12.42 -12.18
C THR B 54 -21.14 12.10 -11.97
N ILE B 55 -21.62 12.19 -10.74
CA ILE B 55 -23.03 11.90 -10.48
C ILE B 55 -23.88 13.16 -10.31
N PRO B 56 -24.89 13.35 -11.19
CA PRO B 56 -25.78 14.51 -11.15
C PRO B 56 -26.69 14.53 -9.92
N ILE B 57 -26.57 15.58 -9.12
CA ILE B 57 -27.41 15.72 -7.93
C ILE B 57 -28.65 16.52 -8.35
N LEU B 58 -29.78 15.84 -8.41
CA LEU B 58 -31.00 16.49 -8.86
C LEU B 58 -32.24 16.33 -7.98
N LEU B 59 -33.04 17.40 -7.97
CA LEU B 59 -34.30 17.44 -7.24
C LEU B 59 -35.34 17.29 -8.34
N GLN B 60 -35.92 16.09 -8.45
CA GLN B 60 -36.89 15.79 -9.50
C GLN B 60 -38.36 15.70 -9.07
N PHE B 61 -39.25 15.95 -10.03
CA PHE B 61 -40.70 15.91 -9.81
C PHE B 61 -41.42 15.32 -11.03
N ARG B 62 -42.45 14.52 -10.79
CA ARG B 62 -43.21 13.92 -11.88
C ARG B 62 -44.12 14.99 -12.51
N GLU B 63 -44.21 16.13 -11.84
CA GLU B 63 -45.06 17.22 -12.31
C GLU B 63 -44.37 18.57 -12.10
N LYS B 64 -44.15 19.30 -13.19
CA LYS B 64 -43.48 20.61 -13.17
C LYS B 64 -43.99 21.54 -12.07
N PRO B 65 -43.12 21.89 -11.10
CA PRO B 65 -43.50 22.79 -10.01
C PRO B 65 -43.89 24.17 -10.56
N ARG B 66 -44.81 24.83 -9.87
CA ARG B 66 -45.28 26.14 -10.29
C ARG B 66 -44.32 27.28 -9.93
N VAL B 67 -43.20 26.94 -9.30
CA VAL B 67 -42.23 27.96 -8.90
C VAL B 67 -41.19 28.24 -9.98
N GLY B 68 -40.41 29.29 -9.78
CA GLY B 68 -39.39 29.65 -10.74
C GLY B 68 -38.20 30.34 -10.09
N PRO B 69 -37.27 30.88 -10.89
CA PRO B 69 -36.09 31.57 -10.39
C PRO B 69 -36.40 32.69 -9.40
N GLY B 70 -35.53 32.89 -8.43
CA GLY B 70 -35.72 33.94 -7.44
C GLY B 70 -36.70 33.61 -6.32
N ASN B 71 -37.43 32.50 -6.47
CA ASN B 71 -38.40 32.12 -5.45
C ASN B 71 -37.84 31.23 -4.35
N THR B 72 -38.41 31.37 -3.15
CA THR B 72 -38.01 30.57 -2.01
C THR B 72 -39.12 29.55 -1.82
N VAL B 73 -38.76 28.27 -1.89
CA VAL B 73 -39.74 27.22 -1.75
C VAL B 73 -39.48 26.40 -0.49
N ALA B 74 -40.56 26.02 0.19
CA ALA B 74 -40.44 25.22 1.40
C ALA B 74 -40.61 23.76 1.02
N LEU B 75 -39.64 22.94 1.38
CA LEU B 75 -39.68 21.51 1.09
C LEU B 75 -40.29 20.78 2.27
N LEU B 76 -41.08 19.74 1.99
CA LEU B 76 -41.72 18.98 3.05
C LEU B 76 -41.45 17.49 2.92
N HIS B 77 -40.97 16.88 4.00
CA HIS B 77 -40.70 15.45 3.98
C HIS B 77 -41.88 14.70 4.57
N GLY B 78 -41.95 14.68 5.90
CA GLY B 78 -43.05 13.99 6.54
C GLY B 78 -44.29 14.87 6.49
N GLY B 79 -44.48 15.66 7.54
CA GLY B 79 -45.61 16.56 7.60
C GLY B 79 -45.13 17.88 8.14
N GLU B 80 -43.92 18.28 7.75
CA GLU B 80 -43.35 19.53 8.22
C GLU B 80 -42.31 20.09 7.27
N ARG B 81 -42.00 21.37 7.44
CA ARG B 81 -41.01 22.06 6.62
C ARG B 81 -39.61 21.64 7.03
N VAL B 82 -39.03 20.73 6.25
CA VAL B 82 -37.69 20.23 6.50
C VAL B 82 -36.60 21.24 6.16
N ALA B 83 -36.73 21.90 5.01
CA ALA B 83 -35.75 22.88 4.59
C ALA B 83 -36.29 23.86 3.56
N LEU B 84 -35.48 24.86 3.25
CA LEU B 84 -35.83 25.88 2.27
C LEU B 84 -34.97 25.79 1.02
N LEU B 85 -35.61 25.92 -0.13
CA LEU B 85 -34.93 25.85 -1.42
C LEU B 85 -34.99 27.19 -2.15
N HIS B 86 -33.84 27.68 -2.58
CA HIS B 86 -33.79 28.94 -3.30
C HIS B 86 -33.64 28.67 -4.79
N VAL B 87 -34.75 28.26 -5.42
CA VAL B 87 -34.80 27.95 -6.84
C VAL B 87 -34.05 29.00 -7.64
N ALA B 88 -33.07 28.57 -8.42
CA ALA B 88 -32.29 29.48 -9.25
C ALA B 88 -32.55 29.12 -10.70
N GLU B 89 -33.36 28.10 -10.91
CA GLU B 89 -33.69 27.63 -12.25
C GLU B 89 -34.63 26.44 -12.20
N ALA B 90 -35.48 26.32 -13.22
CA ALA B 90 -36.43 25.22 -13.32
C ALA B 90 -36.38 24.69 -14.76
N TYR B 91 -36.43 23.38 -14.92
CA TYR B 91 -36.36 22.80 -16.26
C TYR B 91 -36.85 21.35 -16.33
N GLU B 92 -36.61 20.74 -17.50
CA GLU B 92 -36.99 19.35 -17.75
C GLU B 92 -35.79 18.67 -18.40
N LEU B 93 -35.57 17.41 -18.07
CA LEU B 93 -34.44 16.67 -18.62
C LEU B 93 -34.85 15.42 -19.39
N ASP B 94 -34.05 15.04 -20.39
CA ASP B 94 -34.31 13.84 -21.16
C ASP B 94 -33.69 12.70 -20.37
N LEU B 95 -34.44 12.20 -19.40
CA LEU B 95 -33.97 11.13 -18.52
C LEU B 95 -33.23 10.01 -19.26
N GLU B 96 -33.72 9.65 -20.45
CA GLU B 96 -33.09 8.59 -21.23
C GLU B 96 -31.70 8.98 -21.70
N ALA B 97 -31.55 10.19 -22.24
CA ALA B 97 -30.27 10.68 -22.71
C ALA B 97 -29.35 11.00 -21.53
N LEU B 98 -29.95 11.22 -20.37
CA LEU B 98 -29.21 11.52 -19.15
C LEU B 98 -28.72 10.22 -18.55
N ALA B 99 -29.57 9.19 -18.64
CA ALA B 99 -29.24 7.88 -18.11
C ALA B 99 -28.11 7.22 -18.91
N ARG B 100 -28.23 7.25 -20.23
CA ARG B 100 -27.21 6.65 -21.08
C ARG B 100 -25.82 7.23 -20.79
N ALA B 101 -25.78 8.47 -20.34
CA ALA B 101 -24.50 9.11 -20.03
C ALA B 101 -24.01 8.71 -18.65
N VAL B 102 -24.92 8.77 -17.66
CA VAL B 102 -24.60 8.44 -16.28
C VAL B 102 -24.36 6.95 -16.02
N PHE B 103 -25.33 6.11 -16.36
CA PHE B 103 -25.22 4.69 -16.10
C PHE B 103 -24.67 3.88 -17.29
N GLY B 104 -24.44 4.54 -18.42
CA GLY B 104 -23.93 3.84 -19.59
C GLY B 104 -25.03 3.08 -20.31
N THR B 105 -26.26 3.31 -19.90
CA THR B 105 -27.42 2.64 -20.49
C THR B 105 -28.70 3.36 -20.10
N ASP B 106 -29.80 3.01 -20.74
CA ASP B 106 -31.09 3.62 -20.43
C ASP B 106 -32.13 2.52 -20.28
N SER B 107 -31.66 1.29 -20.21
CA SER B 107 -32.53 0.13 -20.05
C SER B 107 -33.12 0.10 -18.64
N GLU B 108 -34.44 0.24 -18.55
CA GLU B 108 -35.11 0.24 -17.27
C GLU B 108 -34.79 -1.00 -16.42
N THR B 109 -34.04 -1.94 -17.00
CA THR B 109 -33.66 -3.15 -16.26
C THR B 109 -32.59 -2.81 -15.23
N HIS B 110 -31.94 -1.66 -15.44
CA HIS B 110 -30.89 -1.16 -14.56
C HIS B 110 -31.50 -0.49 -13.32
N PRO B 111 -31.28 -1.08 -12.13
CA PRO B 111 -31.81 -0.57 -10.87
C PRO B 111 -31.58 0.93 -10.69
N GLY B 112 -30.56 1.45 -11.38
CA GLY B 112 -30.24 2.86 -11.27
C GLY B 112 -31.07 3.74 -12.17
N VAL B 113 -31.17 3.38 -13.44
CA VAL B 113 -31.96 4.16 -14.37
C VAL B 113 -33.43 4.16 -13.93
N ALA B 114 -33.89 3.02 -13.44
CA ALA B 114 -35.27 2.89 -12.98
C ALA B 114 -35.61 4.00 -11.99
N ARG B 115 -35.01 3.93 -10.80
CA ARG B 115 -35.25 4.91 -9.76
C ARG B 115 -35.19 6.34 -10.31
N LEU B 116 -34.29 6.57 -11.25
CA LEU B 116 -34.13 7.89 -11.86
C LEU B 116 -35.43 8.31 -12.56
N TYR B 117 -35.95 7.42 -13.38
CA TYR B 117 -37.18 7.67 -14.14
C TYR B 117 -38.38 7.98 -13.25
N GLY B 118 -38.65 7.09 -12.30
CA GLY B 118 -39.78 7.27 -11.41
C GLY B 118 -39.77 8.55 -10.59
N LYS B 119 -38.73 9.37 -10.74
CA LYS B 119 -38.64 10.61 -9.99
C LYS B 119 -39.21 11.82 -10.74
N GLY B 120 -39.33 11.69 -12.06
CA GLY B 120 -39.87 12.77 -12.86
C GLY B 120 -38.83 13.57 -13.64
N PRO B 121 -39.14 13.93 -14.90
CA PRO B 121 -38.26 14.70 -15.77
C PRO B 121 -38.14 16.19 -15.43
N TYR B 122 -38.93 16.65 -14.47
CA TYR B 122 -38.89 18.06 -14.07
C TYR B 122 -37.98 18.22 -12.85
N ALA B 123 -37.21 19.31 -12.83
CA ALA B 123 -36.30 19.53 -11.71
C ALA B 123 -36.06 21.00 -11.38
N LEU B 124 -35.62 21.24 -10.16
CA LEU B 124 -35.33 22.59 -9.69
C LEU B 124 -33.88 22.67 -9.25
N ALA B 125 -33.30 23.87 -9.36
CA ALA B 125 -31.91 24.07 -8.95
C ALA B 125 -31.84 25.17 -7.90
N GLY B 126 -30.72 25.22 -7.17
CA GLY B 126 -30.56 26.26 -6.16
C GLY B 126 -30.05 25.79 -4.80
N ARG B 127 -29.41 26.70 -4.07
CA ARG B 127 -28.86 26.40 -2.75
C ARG B 127 -29.96 25.87 -1.84
N VAL B 128 -29.56 25.34 -0.69
CA VAL B 128 -30.53 24.80 0.25
C VAL B 128 -30.14 25.13 1.69
N GLU B 129 -31.15 25.27 2.54
CA GLU B 129 -30.93 25.56 3.95
C GLU B 129 -31.79 24.61 4.76
N VAL B 130 -31.18 23.87 5.67
CA VAL B 130 -31.92 22.94 6.50
C VAL B 130 -32.53 23.67 7.68
N LEU B 131 -33.77 23.31 8.01
CA LEU B 131 -34.48 23.92 9.13
C LEU B 131 -34.84 22.84 10.14
N LYS B 132 -35.02 21.62 9.66
CA LYS B 132 -35.36 20.49 10.51
C LYS B 132 -34.45 19.32 10.21
N PRO B 133 -33.25 19.30 10.81
CA PRO B 133 -32.27 18.22 10.61
C PRO B 133 -32.87 16.88 11.00
N ARG B 134 -32.80 15.91 10.09
CA ARG B 134 -33.34 14.60 10.39
C ARG B 134 -32.50 13.88 11.44
N PRO B 135 -33.16 13.16 12.37
CA PRO B 135 -32.52 12.41 13.45
C PRO B 135 -31.43 11.44 12.96
N ARG B 136 -30.20 11.71 13.36
CA ARG B 136 -29.06 10.88 12.97
C ARG B 136 -28.52 10.08 14.16
N THR B 137 -28.36 8.77 13.96
CA THR B 137 -27.83 7.91 15.02
C THR B 137 -26.33 8.20 15.17
N PRO B 138 -25.67 7.57 16.14
CA PRO B 138 -24.24 7.83 16.30
C PRO B 138 -23.41 7.54 15.04
N LEU B 139 -23.85 6.57 14.26
CA LEU B 139 -23.15 6.18 13.03
C LEU B 139 -23.24 7.21 11.92
N GLU B 140 -24.43 7.79 11.75
CA GLU B 140 -24.65 8.78 10.71
C GLU B 140 -23.96 10.11 11.00
N LYS B 141 -22.63 10.08 11.00
CA LYS B 141 -21.86 11.30 11.25
C LYS B 141 -21.65 12.13 10.00
N THR B 142 -21.64 13.44 10.18
CA THR B 142 -21.45 14.37 9.06
C THR B 142 -19.97 14.47 8.71
N PRO B 143 -19.66 15.04 7.54
CA PRO B 143 -18.27 15.19 7.11
C PRO B 143 -17.41 15.86 8.18
N GLU B 144 -17.89 16.98 8.71
CA GLU B 144 -17.15 17.71 9.72
C GLU B 144 -16.97 16.91 11.01
N GLU B 145 -17.97 16.12 11.35
CA GLU B 145 -17.90 15.30 12.55
C GLU B 145 -16.88 14.16 12.40
N VAL B 146 -16.64 13.74 11.16
CA VAL B 146 -15.69 12.67 10.88
C VAL B 146 -14.27 13.21 10.83
N ARG B 147 -14.12 14.39 10.23
CA ARG B 147 -12.81 15.03 10.14
C ARG B 147 -12.28 15.25 11.56
N ALA B 148 -13.19 15.65 12.45
CA ALA B 148 -12.85 15.89 13.84
C ALA B 148 -12.45 14.58 14.54
N PHE B 149 -13.16 13.50 14.22
CA PHE B 149 -12.89 12.18 14.81
C PHE B 149 -11.47 11.73 14.48
N PHE B 150 -10.96 12.19 13.33
CA PHE B 150 -9.61 11.81 12.90
C PHE B 150 -8.54 12.58 13.64
N ARG B 151 -8.73 13.89 13.80
CA ARG B 151 -7.77 14.72 14.51
C ARG B 151 -7.82 14.35 15.99
N GLN B 152 -8.96 13.79 16.41
CA GLN B 152 -9.17 13.37 17.78
C GLN B 152 -8.24 12.21 18.09
N ARG B 153 -7.90 11.45 17.07
CA ARG B 153 -7.02 10.31 17.23
C ARG B 153 -5.69 10.50 16.52
N GLY B 154 -5.53 11.68 15.92
CA GLY B 154 -4.29 11.98 15.21
C GLY B 154 -4.04 11.24 13.91
N TRP B 155 -5.07 10.58 13.37
CA TRP B 155 -4.91 9.86 12.12
C TRP B 155 -4.64 10.87 11.00
N ARG B 156 -3.45 10.81 10.41
CA ARG B 156 -3.09 11.71 9.32
C ARG B 156 -3.30 11.04 7.97
N LYS B 157 -3.17 9.72 7.95
CA LYS B 157 -3.36 8.96 6.72
C LYS B 157 -4.55 8.04 6.96
N VAL B 158 -5.63 8.25 6.20
CA VAL B 158 -6.83 7.45 6.35
C VAL B 158 -7.30 6.81 5.05
N VAL B 159 -7.53 5.50 5.09
CA VAL B 159 -8.00 4.77 3.92
C VAL B 159 -9.48 4.51 4.13
N ALA B 160 -10.29 4.93 3.16
CA ALA B 160 -11.72 4.74 3.25
C ALA B 160 -12.14 3.52 2.44
N PHE B 161 -13.17 2.83 2.93
CA PHE B 161 -13.69 1.66 2.28
C PHE B 161 -15.20 1.80 2.09
N GLN B 162 -15.66 1.69 0.85
CA GLN B 162 -17.08 1.81 0.53
C GLN B 162 -17.71 0.43 0.46
N THR B 163 -18.90 0.28 1.03
CA THR B 163 -19.59 -0.99 1.00
C THR B 163 -21.09 -0.82 1.08
N ARG B 164 -21.81 -1.78 0.54
CA ARG B 164 -23.27 -1.72 0.53
C ARG B 164 -23.83 -3.06 0.99
N ASN B 165 -22.95 -3.94 1.44
CA ASN B 165 -23.41 -5.25 1.87
C ASN B 165 -22.77 -5.74 3.16
N ALA B 166 -23.08 -6.98 3.52
CA ALA B 166 -22.53 -7.60 4.72
C ALA B 166 -21.09 -7.98 4.44
N PRO B 167 -20.26 -8.11 5.49
CA PRO B 167 -18.83 -8.46 5.37
C PRO B 167 -18.51 -9.90 4.96
N HIS B 168 -17.76 -10.05 3.88
CA HIS B 168 -17.33 -11.38 3.48
C HIS B 168 -15.80 -11.34 3.43
N ARG B 169 -15.16 -12.51 3.43
CA ARG B 169 -13.70 -12.59 3.41
C ARG B 169 -12.98 -11.63 2.45
N ALA B 170 -13.52 -11.48 1.25
CA ALA B 170 -12.92 -10.60 0.27
C ALA B 170 -12.99 -9.14 0.71
N HIS B 171 -14.09 -8.78 1.38
CA HIS B 171 -14.27 -7.42 1.88
C HIS B 171 -13.23 -7.15 2.97
N GLU B 172 -13.14 -8.08 3.91
CA GLU B 172 -12.21 -7.96 5.02
C GLU B 172 -10.80 -7.82 4.44
N TYR B 173 -10.52 -8.55 3.38
CA TYR B 173 -9.21 -8.48 2.75
C TYR B 173 -8.87 -7.02 2.45
N LEU B 174 -9.75 -6.33 1.75
CA LEU B 174 -9.50 -4.93 1.40
C LEU B 174 -9.31 -4.05 2.64
N ILE B 175 -10.05 -4.34 3.70
CA ILE B 175 -9.94 -3.58 4.93
C ILE B 175 -8.56 -3.85 5.55
N ARG B 176 -8.14 -5.11 5.49
CA ARG B 176 -6.83 -5.52 5.98
C ARG B 176 -5.76 -4.70 5.26
N LEU B 177 -5.86 -4.65 3.93
CA LEU B 177 -4.91 -3.91 3.11
C LEU B 177 -4.83 -2.46 3.57
N GLY B 178 -6.00 -1.89 3.83
CA GLY B 178 -6.04 -0.51 4.29
C GLY B 178 -5.35 -0.34 5.63
N LEU B 179 -5.57 -1.30 6.53
CA LEU B 179 -4.97 -1.24 7.85
C LEU B 179 -3.44 -1.26 7.79
N GLU B 180 -2.87 -1.82 6.73
CA GLU B 180 -1.43 -1.89 6.57
C GLU B 180 -0.86 -0.59 6.00
N LEU B 181 -1.71 0.15 5.31
CA LEU B 181 -1.29 1.40 4.67
C LEU B 181 -1.54 2.70 5.42
N ALA B 182 -2.46 2.69 6.38
CA ALA B 182 -2.78 3.92 7.08
C ALA B 182 -2.94 3.83 8.58
N ASP B 183 -2.94 5.00 9.21
CA ASP B 183 -3.10 5.10 10.65
C ASP B 183 -4.45 4.48 11.02
N GLY B 184 -5.42 4.63 10.14
CA GLY B 184 -6.73 4.06 10.39
C GLY B 184 -7.56 3.93 9.13
N VAL B 185 -8.55 3.03 9.20
CA VAL B 185 -9.44 2.77 8.07
C VAL B 185 -10.89 3.11 8.40
N LEU B 186 -11.54 3.78 7.46
CA LEU B 186 -12.93 4.16 7.62
C LEU B 186 -13.83 3.25 6.80
N VAL B 187 -14.62 2.45 7.49
CA VAL B 187 -15.58 1.57 6.85
C VAL B 187 -16.82 2.45 6.79
N HIS B 188 -17.20 2.87 5.59
CA HIS B 188 -18.33 3.78 5.40
C HIS B 188 -19.51 3.19 4.62
N PRO B 189 -20.31 2.33 5.26
CA PRO B 189 -21.46 1.71 4.60
C PRO B 189 -22.49 2.71 4.08
N ILE B 190 -23.15 2.35 2.98
CA ILE B 190 -24.19 3.18 2.41
C ILE B 190 -25.46 2.95 3.23
N LEU B 191 -26.03 4.03 3.76
CA LEU B 191 -27.24 3.93 4.58
C LEU B 191 -28.52 4.27 3.82
N GLY B 192 -28.37 4.78 2.60
CA GLY B 192 -29.51 5.12 1.79
C GLY B 192 -30.20 3.91 1.21
N ALA B 193 -31.09 4.15 0.24
CA ALA B 193 -31.83 3.07 -0.39
C ALA B 193 -31.00 2.20 -1.34
N LYS B 194 -31.06 0.88 -1.12
CA LYS B 194 -30.34 -0.08 -1.95
C LYS B 194 -31.37 -1.05 -2.53
N LYS B 195 -30.99 -1.79 -3.57
CA LYS B 195 -31.92 -2.75 -4.16
C LYS B 195 -32.18 -3.91 -3.21
N PRO B 196 -33.33 -4.59 -3.37
CA PRO B 196 -33.79 -5.73 -2.57
C PRO B 196 -32.77 -6.79 -2.11
N ASP B 197 -31.94 -7.29 -3.03
CA ASP B 197 -30.97 -8.33 -2.69
C ASP B 197 -29.85 -7.94 -1.73
N ASP B 198 -29.44 -6.69 -1.73
CA ASP B 198 -28.38 -6.22 -0.83
C ASP B 198 -28.85 -6.33 0.62
N PHE B 199 -28.01 -6.90 1.47
CA PHE B 199 -28.35 -7.05 2.88
C PHE B 199 -28.81 -5.74 3.51
N PRO B 200 -29.81 -5.83 4.40
CA PRO B 200 -30.39 -4.69 5.12
C PRO B 200 -29.35 -3.99 6.00
N THR B 201 -29.41 -2.67 6.07
CA THR B 201 -28.49 -1.91 6.89
C THR B 201 -28.36 -2.53 8.28
N GLU B 202 -29.50 -2.87 8.88
CA GLU B 202 -29.53 -3.47 10.21
C GLU B 202 -28.61 -4.67 10.38
N VAL B 203 -28.65 -5.60 9.42
CA VAL B 203 -27.82 -6.79 9.50
C VAL B 203 -26.34 -6.54 9.24
N ILE B 204 -26.04 -5.69 8.25
CA ILE B 204 -24.65 -5.40 7.94
C ILE B 204 -24.03 -4.63 9.11
N VAL B 205 -24.81 -3.72 9.68
CA VAL B 205 -24.34 -2.91 10.81
C VAL B 205 -23.98 -3.79 11.99
N GLU B 206 -24.74 -4.87 12.19
CA GLU B 206 -24.49 -5.78 13.29
C GLU B 206 -23.43 -6.79 12.96
N ALA B 207 -23.28 -7.10 11.68
CA ALA B 207 -22.28 -8.06 11.25
C ALA B 207 -20.89 -7.44 11.28
N TYR B 208 -20.80 -6.17 10.88
CA TYR B 208 -19.52 -5.48 10.86
C TYR B 208 -18.90 -5.26 12.23
N GLN B 209 -19.63 -4.61 13.13
CA GLN B 209 -19.09 -4.35 14.47
C GLN B 209 -18.79 -5.62 15.23
N ALA B 210 -19.21 -6.76 14.69
CA ALA B 210 -18.93 -8.05 15.30
C ALA B 210 -17.59 -8.48 14.73
N LEU B 211 -17.37 -8.15 13.45
CA LEU B 211 -16.13 -8.46 12.77
C LEU B 211 -15.07 -7.59 13.43
N ILE B 212 -15.27 -6.28 13.35
CA ILE B 212 -14.35 -5.31 13.92
C ILE B 212 -13.99 -5.64 15.37
N ARG B 213 -14.99 -6.02 16.15
CA ARG B 213 -14.77 -6.35 17.56
C ARG B 213 -14.03 -7.66 17.82
N ASP B 214 -14.33 -8.71 17.05
CA ASP B 214 -13.69 -9.99 17.28
C ASP B 214 -12.57 -10.39 16.30
N PHE B 215 -12.36 -9.63 15.24
CA PHE B 215 -11.33 -9.99 14.29
C PHE B 215 -10.50 -8.86 13.71
N LEU B 216 -10.67 -7.65 14.22
CA LEU B 216 -9.91 -6.52 13.70
C LEU B 216 -9.47 -5.58 14.79
N PRO B 217 -8.49 -4.71 14.50
CA PRO B 217 -8.01 -3.75 15.50
C PRO B 217 -9.15 -2.79 15.84
N GLN B 218 -10.01 -3.21 16.76
CA GLN B 218 -11.16 -2.40 17.19
C GLN B 218 -10.79 -0.93 17.24
N GLU B 219 -9.58 -0.66 17.70
CA GLU B 219 -9.08 0.68 17.87
C GLU B 219 -8.77 1.48 16.59
N ARG B 220 -8.50 0.82 15.48
CA ARG B 220 -8.19 1.54 14.24
C ARG B 220 -9.13 1.33 13.07
N VAL B 221 -10.39 1.01 13.37
CA VAL B 221 -11.38 0.79 12.32
C VAL B 221 -12.62 1.64 12.62
N ALA B 222 -12.74 2.78 11.95
CA ALA B 222 -13.88 3.68 12.13
C ALA B 222 -15.09 3.16 11.38
N PHE B 223 -16.21 2.98 12.09
CA PHE B 223 -17.43 2.48 11.47
C PHE B 223 -18.56 3.50 11.50
N PHE B 224 -18.68 4.25 10.41
CA PHE B 224 -19.72 5.28 10.27
C PHE B 224 -20.45 4.99 8.95
N GLY B 225 -21.66 5.53 8.82
CA GLY B 225 -22.44 5.30 7.62
C GLY B 225 -22.68 6.54 6.79
N LEU B 226 -22.71 6.36 5.47
CA LEU B 226 -22.97 7.47 4.56
C LEU B 226 -24.44 7.43 4.17
N ALA B 227 -25.16 8.51 4.50
CA ALA B 227 -26.59 8.60 4.20
C ALA B 227 -26.86 9.14 2.81
N THR B 228 -26.89 8.22 1.85
CA THR B 228 -27.15 8.55 0.45
C THR B 228 -27.57 7.24 -0.20
N PRO B 229 -28.26 7.31 -1.34
CA PRO B 229 -28.68 6.07 -1.99
C PRO B 229 -27.60 5.48 -2.88
N MET B 230 -27.77 4.22 -3.24
CA MET B 230 -26.85 3.53 -4.14
C MET B 230 -27.35 3.79 -5.57
N ARG B 231 -26.45 4.23 -6.45
CA ARG B 231 -26.81 4.50 -7.84
C ARG B 231 -26.48 3.33 -8.76
N TYR B 232 -25.55 2.48 -8.32
CA TYR B 232 -25.13 1.34 -9.12
C TYR B 232 -24.64 1.85 -10.48
N ALA B 233 -24.05 3.04 -10.48
CA ALA B 233 -23.52 3.66 -11.70
C ALA B 233 -22.11 3.16 -12.04
N GLY B 234 -21.69 2.09 -11.38
CA GLY B 234 -20.37 1.52 -11.65
C GLY B 234 -19.19 2.48 -11.54
N PRO B 235 -18.40 2.60 -12.61
CA PRO B 235 -17.22 3.48 -12.66
C PRO B 235 -17.48 4.90 -12.18
N LYS B 236 -18.51 5.53 -12.73
CA LYS B 236 -18.81 6.91 -12.35
C LYS B 236 -19.16 7.04 -10.87
N GLU B 237 -19.87 6.06 -10.33
CA GLU B 237 -20.23 6.13 -8.93
C GLU B 237 -18.97 5.92 -8.08
N ALA B 238 -17.95 5.29 -8.68
CA ALA B 238 -16.69 5.04 -7.98
C ALA B 238 -16.00 6.38 -7.73
N VAL B 239 -15.98 7.21 -8.77
CA VAL B 239 -15.37 8.52 -8.67
C VAL B 239 -16.16 9.33 -7.65
N PHE B 240 -17.48 9.13 -7.66
CA PHE B 240 -18.38 9.80 -6.73
C PHE B 240 -18.00 9.41 -5.31
N HIS B 241 -17.90 8.10 -5.07
CA HIS B 241 -17.53 7.57 -3.77
C HIS B 241 -16.20 8.13 -3.30
N ALA B 242 -15.25 8.22 -4.23
CA ALA B 242 -13.93 8.72 -3.92
C ALA B 242 -13.98 10.17 -3.42
N LEU B 243 -14.51 11.06 -4.27
CA LEU B 243 -14.62 12.48 -3.95
C LEU B 243 -15.39 12.77 -2.66
N VAL B 244 -16.46 12.01 -2.43
CA VAL B 244 -17.25 12.20 -1.22
C VAL B 244 -16.43 11.79 0.01
N ARG B 245 -15.81 10.61 -0.05
CA ARG B 245 -15.01 10.15 1.08
C ARG B 245 -13.84 11.11 1.31
N LYS B 246 -13.44 11.83 0.27
CA LYS B 246 -12.37 12.81 0.39
C LYS B 246 -12.85 13.90 1.36
N ASN B 247 -14.11 14.30 1.20
CA ASN B 247 -14.70 15.34 2.03
C ASN B 247 -14.84 14.87 3.47
N PHE B 248 -14.95 13.56 3.68
CA PHE B 248 -15.06 13.06 5.03
C PHE B 248 -13.68 12.97 5.67
N GLY B 249 -12.67 13.42 4.95
CA GLY B 249 -11.32 13.40 5.47
C GLY B 249 -10.43 12.21 5.15
N ALA B 250 -10.87 11.30 4.28
CA ALA B 250 -10.03 10.16 3.92
C ALA B 250 -8.94 10.62 2.95
N THR B 251 -7.76 10.04 3.06
CA THR B 251 -6.66 10.39 2.15
C THR B 251 -6.57 9.36 1.06
N HIS B 252 -7.05 8.16 1.35
CA HIS B 252 -7.03 7.07 0.40
C HIS B 252 -8.40 6.44 0.28
N PHE B 253 -8.68 5.91 -0.90
CA PHE B 253 -9.95 5.25 -1.15
C PHE B 253 -9.70 3.92 -1.87
N LEU B 254 -10.37 2.89 -1.40
CA LEU B 254 -10.24 1.56 -1.99
C LEU B 254 -11.28 1.33 -3.09
N VAL B 255 -10.87 0.66 -4.15
CA VAL B 255 -11.75 0.33 -5.27
C VAL B 255 -11.38 -1.08 -5.70
N GLY B 256 -12.29 -2.03 -5.49
CA GLY B 256 -12.01 -3.40 -5.87
C GLY B 256 -12.55 -3.79 -7.23
N ARG B 257 -12.94 -5.06 -7.38
CA ARG B 257 -13.48 -5.55 -8.64
C ARG B 257 -14.96 -5.14 -8.74
N ASP B 258 -15.37 -4.75 -9.95
CA ASP B 258 -16.75 -4.35 -10.23
C ASP B 258 -17.34 -3.45 -9.12
N HIS B 259 -16.62 -2.38 -8.80
CA HIS B 259 -17.05 -1.44 -7.77
C HIS B 259 -18.38 -0.77 -8.15
N ALA B 260 -19.33 -0.81 -7.22
CA ALA B 260 -20.65 -0.22 -7.44
C ALA B 260 -21.31 -0.68 -8.73
N GLY B 261 -21.20 -1.96 -9.03
CA GLY B 261 -21.79 -2.49 -10.24
C GLY B 261 -23.04 -3.30 -9.98
N VAL B 262 -23.77 -3.63 -11.04
CA VAL B 262 -25.00 -4.44 -10.95
C VAL B 262 -24.97 -5.56 -11.97
N GLY B 263 -25.22 -6.78 -11.50
CA GLY B 263 -25.20 -7.93 -12.39
C GLY B 263 -23.84 -8.01 -13.05
N ASP B 264 -23.82 -7.85 -14.37
CA ASP B 264 -22.57 -7.89 -15.11
C ASP B 264 -22.57 -6.75 -16.11
N PHE B 265 -23.34 -5.72 -15.79
CA PHE B 265 -23.46 -4.54 -16.64
C PHE B 265 -22.12 -3.92 -17.00
N TYR B 266 -21.31 -3.58 -16.01
CA TYR B 266 -20.02 -2.97 -16.30
C TYR B 266 -18.86 -3.95 -16.26
N ASP B 267 -17.79 -3.58 -16.94
CA ASP B 267 -16.58 -4.40 -16.96
C ASP B 267 -15.98 -4.31 -15.57
N PRO B 268 -15.68 -5.46 -14.95
CA PRO B 268 -15.10 -5.56 -13.59
C PRO B 268 -14.00 -4.56 -13.26
N TYR B 269 -13.29 -4.06 -14.26
CA TYR B 269 -12.21 -3.13 -14.01
C TYR B 269 -12.43 -1.73 -14.56
N ALA B 270 -13.66 -1.43 -14.97
CA ALA B 270 -13.98 -0.11 -15.51
C ALA B 270 -13.79 0.97 -14.43
N ALA B 271 -14.21 0.65 -13.21
CA ALA B 271 -14.07 1.58 -12.11
C ALA B 271 -12.60 1.84 -11.78
N HIS B 272 -11.72 1.06 -12.41
CA HIS B 272 -10.28 1.21 -12.21
C HIS B 272 -9.74 2.19 -13.26
N ARG B 273 -10.00 1.90 -14.53
CA ARG B 273 -9.52 2.72 -15.64
C ARG B 273 -10.08 4.14 -15.67
N ILE B 274 -11.30 4.33 -15.19
CA ILE B 274 -11.88 5.66 -15.23
C ILE B 274 -11.03 6.70 -14.52
N PHE B 275 -10.32 6.29 -13.47
CA PHE B 275 -9.46 7.23 -12.74
C PHE B 275 -8.25 7.64 -13.57
N ASP B 276 -7.88 6.81 -14.54
CA ASP B 276 -6.74 7.11 -15.40
C ASP B 276 -7.09 8.22 -16.38
N ARG B 277 -8.39 8.34 -16.68
CA ARG B 277 -8.87 9.37 -17.60
C ARG B 277 -9.24 10.66 -16.88
N LEU B 278 -9.07 10.68 -15.56
CA LEU B 278 -9.38 11.87 -14.79
C LEU B 278 -8.11 12.42 -14.19
N PRO B 279 -8.11 13.71 -13.82
CA PRO B 279 -6.92 14.33 -13.23
C PRO B 279 -6.77 13.95 -11.76
N PRO B 280 -5.66 14.37 -11.12
CA PRO B 280 -5.44 14.05 -9.70
C PRO B 280 -6.64 14.60 -8.92
N LEU B 281 -7.28 13.74 -8.13
CA LEU B 281 -8.47 14.12 -7.38
C LEU B 281 -8.27 14.74 -6.00
N GLY B 282 -7.11 14.51 -5.39
CA GLY B 282 -6.88 15.06 -4.06
C GLY B 282 -7.04 13.97 -3.02
N ILE B 283 -7.23 12.75 -3.51
CA ILE B 283 -7.36 11.57 -2.67
C ILE B 283 -6.73 10.46 -3.50
N GLU B 284 -5.97 9.59 -2.85
CA GLU B 284 -5.29 8.51 -3.57
C GLU B 284 -6.20 7.30 -3.72
N ILE B 285 -6.33 6.82 -4.95
CA ILE B 285 -7.16 5.65 -5.22
C ILE B 285 -6.29 4.39 -5.15
N VAL B 286 -6.65 3.50 -4.25
CA VAL B 286 -5.91 2.25 -4.06
C VAL B 286 -6.63 1.12 -4.81
N LYS B 287 -6.16 0.83 -6.01
CA LYS B 287 -6.76 -0.21 -6.84
C LYS B 287 -6.38 -1.63 -6.43
N VAL B 288 -7.38 -2.48 -6.33
CA VAL B 288 -7.17 -3.88 -5.98
C VAL B 288 -8.05 -4.72 -6.90
N GLY B 289 -7.49 -5.79 -7.44
CA GLY B 289 -8.23 -6.66 -8.35
C GLY B 289 -9.16 -7.64 -7.69
N ALA B 290 -9.46 -8.73 -8.38
CA ALA B 290 -10.34 -9.74 -7.81
C ALA B 290 -9.71 -10.38 -6.59
N VAL B 291 -10.53 -10.58 -5.56
CA VAL B 291 -10.08 -11.20 -4.34
C VAL B 291 -10.86 -12.52 -4.20
N PHE B 292 -10.13 -13.59 -3.93
CA PHE B 292 -10.72 -14.92 -3.82
C PHE B 292 -9.94 -15.76 -2.84
N HIS B 293 -10.34 -17.02 -2.70
CA HIS B 293 -9.63 -17.92 -1.82
C HIS B 293 -8.76 -18.82 -2.67
N CYS B 294 -7.56 -19.11 -2.17
CA CYS B 294 -6.63 -19.97 -2.88
C CYS B 294 -5.90 -20.91 -1.93
N PRO B 295 -6.16 -22.22 -2.05
CA PRO B 295 -5.51 -23.22 -1.20
C PRO B 295 -4.00 -23.26 -1.38
N LEU B 296 -3.52 -23.08 -2.60
CA LEU B 296 -2.08 -23.11 -2.86
C LEU B 296 -1.40 -21.90 -2.25
N CYS B 297 -1.97 -20.71 -2.45
CA CYS B 297 -1.40 -19.51 -1.86
C CYS B 297 -1.57 -19.68 -0.35
N GLY B 298 -2.64 -20.37 0.04
CA GLY B 298 -2.90 -20.63 1.44
C GLY B 298 -3.88 -19.68 2.09
N GLY B 299 -4.91 -19.27 1.35
CA GLY B 299 -5.88 -18.37 1.93
C GLY B 299 -6.40 -17.33 0.96
N ILE B 300 -6.96 -16.25 1.48
CA ILE B 300 -7.49 -15.19 0.63
C ILE B 300 -6.36 -14.41 -0.02
N ALA B 301 -6.33 -14.44 -1.35
CA ALA B 301 -5.32 -13.74 -2.12
C ALA B 301 -6.03 -12.91 -3.17
N SER B 302 -5.26 -12.31 -4.07
CA SER B 302 -5.86 -11.49 -5.10
C SER B 302 -5.24 -11.78 -6.45
N GLU B 303 -5.86 -11.20 -7.46
CA GLU B 303 -5.42 -11.34 -8.83
C GLU B 303 -3.98 -10.85 -8.95
N ARG B 304 -3.57 -9.97 -8.04
CA ARG B 304 -2.22 -9.42 -8.07
C ARG B 304 -1.20 -10.18 -7.22
N THR B 305 -1.66 -11.14 -6.41
CA THR B 305 -0.75 -11.89 -5.55
C THR B 305 -0.75 -13.39 -5.82
N CYS B 306 -1.78 -13.86 -6.53
CA CYS B 306 -1.91 -15.27 -6.87
C CYS B 306 -1.52 -15.45 -8.35
N PRO B 307 -0.57 -16.35 -8.62
CA PRO B 307 -0.17 -16.56 -10.02
C PRO B 307 -1.27 -17.24 -10.85
N GLU B 308 -1.25 -16.96 -12.15
CA GLU B 308 -2.20 -17.51 -13.10
C GLU B 308 -2.33 -19.04 -13.00
N GLY B 309 -1.21 -19.72 -12.72
CA GLY B 309 -1.21 -21.16 -12.62
C GLY B 309 -2.07 -21.76 -11.50
N HIS B 310 -2.52 -20.95 -10.56
CA HIS B 310 -3.35 -21.43 -9.45
C HIS B 310 -4.83 -21.22 -9.74
N ARG B 311 -5.12 -20.56 -10.87
CA ARG B 311 -6.51 -20.25 -11.22
C ARG B 311 -7.54 -21.34 -10.96
N GLU B 312 -7.39 -22.50 -11.60
CA GLU B 312 -8.36 -23.59 -11.45
C GLU B 312 -8.60 -24.09 -10.02
N LYS B 313 -7.96 -23.46 -9.04
CA LYS B 313 -8.10 -23.86 -7.64
C LYS B 313 -8.77 -22.76 -6.82
N ARG B 314 -8.87 -21.57 -7.40
CA ARG B 314 -9.45 -20.43 -6.72
C ARG B 314 -10.94 -20.63 -6.43
N THR B 315 -11.43 -19.97 -5.38
CA THR B 315 -12.81 -20.06 -4.97
C THR B 315 -13.37 -18.64 -4.92
N ALA B 316 -14.01 -18.22 -6.00
CA ALA B 316 -14.58 -16.87 -6.08
C ALA B 316 -15.42 -16.50 -4.86
N ILE B 317 -15.42 -15.22 -4.52
CA ILE B 317 -16.18 -14.74 -3.38
C ILE B 317 -17.21 -13.71 -3.79
N SER B 318 -18.48 -14.02 -3.56
CA SER B 318 -19.58 -13.12 -3.90
C SER B 318 -20.69 -13.18 -2.87
N MET B 319 -21.21 -12.02 -2.48
CA MET B 319 -22.27 -11.96 -1.48
C MET B 319 -23.59 -12.41 -2.06
N THR B 320 -23.66 -12.53 -3.38
CA THR B 320 -24.88 -12.98 -4.04
C THR B 320 -25.07 -14.45 -3.75
N LYS B 321 -24.09 -15.25 -4.18
CA LYS B 321 -24.12 -16.68 -3.94
C LYS B 321 -24.48 -16.94 -2.49
N VAL B 322 -23.72 -16.33 -1.59
CA VAL B 322 -23.95 -16.47 -0.15
C VAL B 322 -25.42 -16.21 0.15
N ARG B 323 -25.83 -14.95 0.06
CA ARG B 323 -27.20 -14.55 0.32
C ARG B 323 -28.16 -15.62 -0.18
N ALA B 324 -28.05 -15.96 -1.47
CA ALA B 324 -28.90 -16.97 -2.07
C ALA B 324 -28.28 -18.34 -1.88
N LEU B 325 -28.25 -18.81 -0.64
CA LEU B 325 -27.68 -20.11 -0.32
C LEU B 325 -27.95 -20.44 1.14
N LEU B 326 -28.94 -19.77 1.72
CA LEU B 326 -29.31 -19.99 3.11
C LEU B 326 -30.82 -20.17 3.26
N GLU B 328 -31.67 -21.26 0.73
CA GLU B 328 -31.56 -22.61 0.18
C GLU B 328 -31.12 -23.60 1.25
N GLY B 329 -31.01 -23.12 2.49
CA GLY B 329 -30.62 -23.99 3.60
C GLY B 329 -29.17 -24.43 3.69
N LYS B 330 -28.36 -24.09 2.69
CA LYS B 330 -26.94 -24.47 2.68
C LYS B 330 -26.14 -23.74 3.76
N ALA B 331 -24.82 -23.77 3.62
CA ALA B 331 -23.93 -23.11 4.56
C ALA B 331 -22.69 -22.63 3.82
N PRO B 332 -22.43 -21.31 3.82
CA PRO B 332 -21.25 -20.74 3.14
C PRO B 332 -19.93 -21.26 3.71
N PRO B 333 -19.06 -21.80 2.85
CA PRO B 333 -17.77 -22.34 3.29
C PRO B 333 -16.99 -21.32 4.13
N SER B 334 -16.10 -21.82 4.99
CA SER B 334 -15.30 -20.95 5.85
C SER B 334 -14.40 -20.05 4.99
N GLU B 335 -13.94 -20.59 3.87
CA GLU B 335 -13.07 -19.85 2.97
C GLU B 335 -13.86 -18.90 2.07
N LEU B 336 -14.74 -18.11 2.68
CA LEU B 336 -15.55 -17.16 1.94
C LEU B 336 -16.32 -16.28 2.92
N VAL B 337 -16.63 -16.84 4.07
CA VAL B 337 -17.35 -16.10 5.10
C VAL B 337 -16.99 -16.65 6.47
N ARG B 338 -16.74 -15.76 7.42
CA ARG B 338 -16.40 -16.20 8.77
C ARG B 338 -17.61 -16.85 9.42
N PRO B 339 -17.48 -18.14 9.80
CA PRO B 339 -18.55 -18.91 10.44
C PRO B 339 -19.22 -18.15 11.58
N GLU B 340 -18.41 -17.45 12.37
CA GLU B 340 -18.91 -16.70 13.51
C GLU B 340 -19.87 -15.58 13.10
N LEU B 341 -20.11 -15.43 11.80
CA LEU B 341 -20.99 -14.38 11.31
C LEU B 341 -22.30 -14.88 10.68
N LEU B 342 -22.48 -16.20 10.65
CA LEU B 342 -23.69 -16.79 10.10
C LEU B 342 -24.95 -16.47 10.90
N PRO B 343 -24.91 -16.63 12.23
CA PRO B 343 -26.08 -16.33 13.06
C PRO B 343 -26.65 -14.94 12.80
N ILE B 344 -25.81 -14.06 12.25
CA ILE B 344 -26.23 -12.70 11.95
C ILE B 344 -26.73 -12.62 10.52
N LEU B 345 -26.05 -13.32 9.62
CA LEU B 345 -26.43 -13.33 8.22
C LEU B 345 -27.78 -14.00 8.01
N ARG B 346 -28.07 -15.02 8.82
CA ARG B 346 -29.34 -15.73 8.70
C ARG B 346 -30.52 -14.87 9.14
N ARG B 347 -30.42 -14.27 10.32
CA ARG B 347 -31.49 -13.42 10.85
C ARG B 347 -31.74 -12.21 9.96
#